data_3JUA
#
_entry.id   3JUA
#
_cell.length_a   100.982
_cell.length_b   146.910
_cell.length_c   165.471
_cell.angle_alpha   90.000
_cell.angle_beta   90.000
_cell.angle_gamma   90.000
#
_symmetry.space_group_name_H-M   'P 21 21 21'
#
loop_
_entity.id
_entity.type
_entity.pdbx_description
1 polymer 'Transcriptional enhancer factor TEF-3'
2 polymer '65 kDa Yes-associated protein'
3 water water
#
loop_
_entity_poly.entity_id
_entity_poly.type
_entity_poly.pdbx_seq_one_letter_code
_entity_poly.pdbx_strand_id
1 'polypeptide(L)'
;SMRSIASSKLWMLEFSAFLERQQDPDTYNKHLFVHISQSSPSYSDPYLETVDIRQIYDKFPEKKGGLKELFERGPSNAFF
LVKFWADLNTNIDDEGSAFYGVSSQYESPENMIITCSTKVCSFGKQVVEKVETEYARYENGHYLYRIHRSPLCEYMINFI
HKLKHLPEKYMMNSVLENFTILQVVTNRDTQETLLCIAYVFEVSASEHGAQHHIYRLVKE
;
A,C,E,G
2 'polypeptide(L)' ETDLEALFNAVMNPKTANVPQTVPMRLRKLPDSFFKPPE B,D,F,H
#
# COMPACT_ATOMS: atom_id res chain seq x y z
N SER A 1 -18.65 -18.92 -8.51
CA SER A 1 -19.57 -18.26 -9.49
C SER A 1 -21.00 -18.13 -8.93
N MET A 2 -21.92 -18.89 -9.53
CA MET A 2 -23.31 -19.04 -9.06
C MET A 2 -23.39 -20.31 -8.21
N ARG A 3 -22.37 -21.14 -8.37
CA ARG A 3 -22.18 -22.34 -7.59
C ARG A 3 -21.58 -22.03 -6.20
N SER A 4 -20.82 -20.94 -6.07
CA SER A 4 -20.06 -20.75 -4.83
C SER A 4 -20.46 -19.54 -3.99
N ILE A 5 -19.85 -19.41 -2.80
CA ILE A 5 -20.07 -18.22 -2.01
C ILE A 5 -19.07 -17.15 -2.45
N ALA A 6 -19.43 -16.40 -3.50
CA ALA A 6 -18.52 -15.46 -4.16
C ALA A 6 -19.24 -14.37 -4.97
N SER A 7 -18.59 -13.22 -5.10
CA SER A 7 -19.14 -12.14 -5.89
C SER A 7 -18.23 -11.87 -7.07
N SER A 8 -18.48 -10.81 -7.81
CA SER A 8 -17.62 -10.52 -8.95
C SER A 8 -16.19 -10.18 -8.52
N LYS A 9 -16.01 -9.84 -7.25
CA LYS A 9 -14.74 -9.31 -6.81
C LYS A 9 -14.06 -10.15 -5.72
N LEU A 10 -14.83 -10.86 -4.92
CA LEU A 10 -14.26 -11.54 -3.77
C LEU A 10 -14.83 -12.95 -3.57
N TRP A 11 -13.93 -13.89 -3.29
CA TRP A 11 -14.31 -15.30 -3.25
C TRP A 11 -13.80 -16.00 -1.98
N MET A 12 -14.72 -16.37 -1.09
CA MET A 12 -14.36 -17.13 0.12
C MET A 12 -13.95 -18.57 -0.22
N LEU A 13 -12.74 -18.96 0.18
CA LEU A 13 -12.20 -20.29 -0.10
C LEU A 13 -12.26 -21.18 1.12
N GLU A 14 -12.09 -20.57 2.28
CA GLU A 14 -12.03 -21.34 3.50
C GLU A 14 -12.75 -20.59 4.60
N PHE A 15 -13.31 -21.35 5.51
CA PHE A 15 -13.79 -20.79 6.74
C PHE A 15 -13.77 -21.91 7.75
N SER A 16 -13.39 -21.62 8.97
CA SER A 16 -13.48 -22.61 10.02
C SER A 16 -13.27 -22.01 11.36
N ALA A 17 -14.04 -22.48 12.33
CA ALA A 17 -13.87 -22.05 13.70
C ALA A 17 -13.47 -23.29 14.47
N PHE A 18 -12.65 -23.14 15.50
CA PHE A 18 -12.10 -24.32 16.13
C PHE A 18 -11.54 -24.14 17.53
N LEU A 19 -11.44 -25.25 18.25
CA LEU A 19 -10.74 -25.31 19.52
C LEU A 19 -9.56 -26.26 19.37
N GLU A 20 -8.37 -25.81 19.75
CA GLU A 20 -7.21 -26.71 19.79
C GLU A 20 -6.56 -26.73 21.18
N ARG A 21 -6.24 -27.92 21.65
CA ARG A 21 -5.55 -28.10 22.92
C ARG A 21 -4.11 -28.55 22.68
N GLN A 22 -3.19 -28.10 23.52
CA GLN A 22 -1.78 -28.41 23.36
C GLN A 22 -1.29 -29.54 24.28
N GLN A 23 0.01 -29.80 24.28
CA GLN A 23 0.62 -30.82 25.12
C GLN A 23 1.69 -31.60 24.33
N ASP A 24 2.91 -31.07 24.31
CA ASP A 24 3.91 -31.58 23.36
C ASP A 24 3.38 -31.36 21.95
N PRO A 25 2.43 -32.21 21.49
CA PRO A 25 1.80 -31.82 20.23
C PRO A 25 0.42 -31.23 20.43
N ASP A 26 -0.31 -31.05 19.34
CA ASP A 26 -1.56 -30.30 19.34
C ASP A 26 -2.71 -31.09 18.70
N THR A 27 -3.92 -30.97 19.24
CA THR A 27 -5.09 -31.65 18.69
C THR A 27 -6.33 -30.72 18.65
N TYR A 28 -7.08 -30.65 17.54
CA TYR A 28 -8.27 -29.74 17.50
C TYR A 28 -9.61 -30.15 16.80
N ASN A 29 -10.71 -29.58 17.29
CA ASN A 29 -12.09 -29.89 16.85
C ASN A 29 -12.60 -28.83 15.87
N LYS A 30 -13.32 -29.24 14.81
CA LYS A 30 -13.96 -28.25 13.95
C LYS A 30 -15.35 -27.97 14.47
N HIS A 31 -15.65 -26.72 14.82
CA HIS A 31 -17.02 -26.35 15.14
C HIS A 31 -17.73 -26.11 13.83
N LEU A 32 -16.96 -25.72 12.82
CA LEU A 32 -17.55 -25.41 11.53
C LEU A 32 -16.51 -25.43 10.48
N PHE A 33 -16.92 -25.49 9.23
CA PHE A 33 -15.93 -25.63 8.19
C PHE A 33 -16.69 -25.54 6.89
N VAL A 34 -16.34 -24.58 6.04
CA VAL A 34 -16.67 -24.68 4.63
C VAL A 34 -15.37 -24.59 3.87
N HIS A 35 -15.41 -24.95 2.59
CA HIS A 35 -14.18 -25.14 1.80
C HIS A 35 -14.54 -25.11 0.31
N ILE A 36 -13.98 -24.17 -0.45
CA ILE A 36 -14.28 -24.13 -1.87
C ILE A 36 -13.03 -24.19 -2.72
N PRO A 46 -23.55 -27.29 -9.64
CA PRO A 46 -24.94 -27.05 -9.24
C PRO A 46 -25.12 -25.66 -8.66
N TYR A 47 -26.08 -24.91 -9.18
CA TYR A 47 -26.40 -23.60 -8.62
C TYR A 47 -26.69 -23.68 -7.14
N LEU A 48 -26.47 -22.58 -6.43
CA LEU A 48 -26.93 -22.52 -5.05
C LEU A 48 -28.42 -22.18 -5.04
N GLU A 49 -29.16 -22.74 -4.09
CA GLU A 49 -30.57 -22.38 -3.89
C GLU A 49 -30.66 -20.97 -3.32
N THR A 50 -31.86 -20.41 -3.29
CA THR A 50 -32.00 -19.00 -2.98
C THR A 50 -32.98 -18.71 -1.85
N VAL A 51 -32.57 -17.83 -0.94
CA VAL A 51 -33.42 -17.45 0.16
C VAL A 51 -33.93 -16.04 -0.01
N ASP A 52 -35.20 -15.84 0.32
CA ASP A 52 -35.81 -14.51 0.25
C ASP A 52 -35.29 -13.63 1.38
N ILE A 53 -34.41 -12.70 1.02
CA ILE A 53 -33.75 -11.81 1.98
C ILE A 53 -34.71 -11.21 3.01
N ARG A 54 -35.96 -11.03 2.61
CA ARG A 54 -36.97 -10.39 3.47
C ARG A 54 -37.38 -11.29 4.63
N GLN A 55 -37.12 -12.59 4.44
CA GLN A 55 -37.48 -13.61 5.40
C GLN A 55 -36.52 -13.69 6.60
N ILE A 56 -35.37 -13.00 6.53
CA ILE A 56 -34.43 -12.99 7.66
C ILE A 56 -34.15 -11.59 8.21
N TYR A 57 -34.67 -10.57 7.55
CA TYR A 57 -34.39 -9.18 7.91
C TYR A 57 -34.45 -8.89 9.39
N ASP A 58 -35.40 -9.47 10.09
CA ASP A 58 -35.59 -9.11 11.47
C ASP A 58 -34.76 -9.97 12.39
N LYS A 59 -33.86 -10.77 11.82
CA LYS A 59 -32.92 -11.53 12.65
C LYS A 59 -31.58 -10.81 12.64
N PHE A 60 -31.55 -9.66 11.98
CA PHE A 60 -30.38 -8.80 11.89
C PHE A 60 -30.76 -7.33 12.09
N PRO A 61 -29.80 -6.51 12.53
CA PRO A 61 -30.07 -5.10 12.84
C PRO A 61 -30.57 -4.32 11.60
N GLU A 62 -31.49 -3.39 11.83
CA GLU A 62 -32.35 -2.87 10.77
C GLU A 62 -32.19 -1.38 10.44
N LYS A 63 -32.90 -0.52 11.16
CA LYS A 63 -32.99 0.89 10.77
C LYS A 63 -31.63 1.60 10.67
N LYS A 64 -31.24 1.97 9.46
CA LYS A 64 -30.08 2.80 9.29
C LYS A 64 -28.90 1.97 8.82
N GLY A 65 -27.94 1.76 9.69
CA GLY A 65 -26.84 0.89 9.29
C GLY A 65 -27.38 -0.53 9.41
N GLY A 66 -28.05 -1.03 8.38
CA GLY A 66 -28.78 -2.28 8.54
C GLY A 66 -28.63 -3.20 7.37
N LEU A 67 -29.09 -4.44 7.52
CA LEU A 67 -28.98 -5.46 6.46
C LEU A 67 -29.83 -5.06 5.26
N LYS A 68 -31.06 -4.63 5.53
CA LYS A 68 -31.98 -4.19 4.48
C LYS A 68 -31.28 -3.16 3.62
N GLU A 69 -30.81 -2.09 4.26
CA GLU A 69 -29.96 -1.08 3.63
C GLU A 69 -28.79 -1.60 2.81
N LEU A 70 -27.95 -2.41 3.44
CA LEU A 70 -26.82 -3.01 2.75
C LEU A 70 -27.22 -3.73 1.49
N PHE A 71 -28.27 -4.56 1.58
CA PHE A 71 -28.69 -5.33 0.42
C PHE A 71 -29.10 -4.42 -0.71
N GLU A 72 -30.08 -3.53 -0.48
CA GLU A 72 -30.52 -2.64 -1.55
C GLU A 72 -29.34 -1.94 -2.24
N ARG A 73 -28.34 -1.57 -1.46
CA ARG A 73 -27.21 -0.79 -1.97
C ARG A 73 -26.23 -1.59 -2.81
N GLY A 74 -25.37 -2.37 -2.16
CA GLY A 74 -24.24 -3.05 -2.84
C GLY A 74 -24.73 -4.12 -3.79
N PRO A 75 -23.79 -4.81 -4.46
CA PRO A 75 -24.22 -5.70 -5.54
C PRO A 75 -24.97 -6.88 -4.98
N SER A 76 -26.11 -7.21 -5.59
CA SER A 76 -26.94 -8.27 -5.03
C SER A 76 -26.35 -9.64 -5.32
N ASN A 77 -25.15 -9.69 -5.88
CA ASN A 77 -24.48 -10.97 -6.07
C ASN A 77 -23.43 -11.26 -4.98
N ALA A 78 -23.46 -10.48 -3.90
CA ALA A 78 -22.48 -10.66 -2.84
C ALA A 78 -23.13 -11.03 -1.52
N PHE A 79 -24.42 -11.34 -1.58
CA PHE A 79 -25.18 -11.59 -0.36
C PHE A 79 -25.57 -13.04 -0.25
N PHE A 80 -25.12 -13.70 0.82
CA PHE A 80 -25.38 -15.12 0.99
C PHE A 80 -25.89 -15.45 2.38
N LEU A 81 -26.66 -16.52 2.50
CA LEU A 81 -27.05 -17.04 3.79
C LEU A 81 -26.49 -18.45 3.99
N VAL A 82 -25.74 -18.65 5.08
CA VAL A 82 -25.15 -19.94 5.39
C VAL A 82 -25.89 -20.57 6.56
N LYS A 83 -26.22 -21.85 6.43
CA LYS A 83 -26.84 -22.57 7.52
C LYS A 83 -25.87 -23.63 8.02
N PHE A 84 -25.37 -23.44 9.24
CA PHE A 84 -24.40 -24.36 9.80
C PHE A 84 -25.05 -25.40 10.70
N TRP A 85 -24.50 -26.60 10.70
CA TRP A 85 -24.77 -27.55 11.76
C TRP A 85 -23.46 -27.71 12.46
N ALA A 86 -23.32 -26.96 13.56
CA ALA A 86 -22.08 -26.93 14.31
C ALA A 86 -21.88 -28.22 15.08
N ASP A 87 -20.66 -28.71 15.08
CA ASP A 87 -20.32 -29.90 15.83
C ASP A 87 -19.77 -29.52 17.20
N LEU A 88 -20.53 -29.81 18.25
CA LEU A 88 -20.10 -29.43 19.59
C LEU A 88 -19.48 -30.54 20.43
N ASN A 89 -19.36 -31.74 19.88
CA ASN A 89 -18.80 -32.82 20.69
C ASN A 89 -17.29 -32.74 20.82
N THR A 90 -16.84 -32.11 21.91
CA THR A 90 -15.43 -31.99 22.24
C THR A 90 -15.30 -31.59 23.70
N ASN A 91 -14.14 -31.84 24.31
CA ASN A 91 -13.87 -31.31 25.65
C ASN A 91 -13.43 -29.83 25.60
N GLU A 95 -10.09 -28.11 31.90
CA GLU A 95 -9.68 -27.11 30.92
C GLU A 95 -8.28 -26.57 31.22
N GLY A 96 -7.41 -26.60 30.21
CA GLY A 96 -6.06 -26.06 30.34
C GLY A 96 -5.73 -25.16 29.16
N SER A 97 -4.71 -25.55 28.39
CA SER A 97 -4.27 -24.78 27.22
C SER A 97 -5.24 -24.91 26.05
N ALA A 98 -6.39 -24.26 26.15
CA ALA A 98 -7.34 -24.26 25.05
C ALA A 98 -7.22 -22.99 24.22
N PHE A 99 -6.97 -23.13 22.93
CA PHE A 99 -7.07 -21.99 22.04
C PHE A 99 -8.30 -22.11 21.15
N TYR A 100 -9.17 -21.09 21.20
CA TYR A 100 -10.34 -21.04 20.34
C TYR A 100 -10.13 -20.07 19.20
N GLY A 101 -9.86 -20.59 18.02
CA GLY A 101 -9.57 -19.74 16.89
C GLY A 101 -10.61 -19.83 15.79
N VAL A 102 -10.52 -18.89 14.85
CA VAL A 102 -11.27 -18.93 13.60
C VAL A 102 -10.37 -18.45 12.47
N SER A 103 -10.27 -19.23 11.41
CA SER A 103 -9.46 -18.86 10.26
C SER A 103 -10.35 -18.82 9.03
N SER A 104 -10.01 -17.99 8.06
CA SER A 104 -10.75 -17.95 6.80
C SER A 104 -9.81 -17.52 5.68
N GLN A 105 -10.22 -17.76 4.45
CA GLN A 105 -9.39 -17.42 3.31
C GLN A 105 -10.19 -16.98 2.09
N TYR A 106 -9.81 -15.86 1.49
CA TYR A 106 -10.54 -15.33 0.34
C TYR A 106 -9.63 -15.11 -0.85
N GLU A 107 -10.23 -15.16 -2.04
CA GLU A 107 -9.48 -14.98 -3.24
C GLU A 107 -10.13 -13.88 -4.04
N SER A 108 -9.31 -13.23 -4.88
CA SER A 108 -9.73 -12.07 -5.68
C SER A 108 -8.84 -11.89 -6.91
N PRO A 109 -9.45 -11.45 -8.01
CA PRO A 109 -8.63 -11.29 -9.20
C PRO A 109 -7.77 -10.05 -9.08
N GLU A 110 -8.18 -9.15 -8.20
CA GLU A 110 -7.67 -7.79 -8.16
C GLU A 110 -7.02 -7.58 -6.78
N ASN A 111 -6.18 -6.56 -6.67
CA ASN A 111 -5.48 -6.30 -5.42
C ASN A 111 -6.15 -5.21 -4.58
N MET A 112 -6.73 -5.59 -3.46
CA MET A 112 -7.45 -4.64 -2.61
C MET A 112 -7.01 -4.64 -1.17
N ILE A 113 -7.59 -3.72 -0.41
CA ILE A 113 -7.49 -3.69 1.04
C ILE A 113 -8.92 -3.88 1.55
N ILE A 114 -9.16 -5.00 2.24
CA ILE A 114 -10.51 -5.33 2.68
C ILE A 114 -10.71 -5.11 4.16
N THR A 115 -11.82 -4.47 4.47
CA THR A 115 -12.30 -4.35 5.82
C THR A 115 -13.26 -5.48 6.01
N CYS A 116 -13.09 -6.26 7.06
CA CYS A 116 -14.01 -7.33 7.29
C CYS A 116 -14.67 -7.09 8.63
N SER A 117 -15.97 -6.87 8.63
CA SER A 117 -16.71 -6.67 9.89
C SER A 117 -17.60 -7.85 10.19
N THR A 118 -17.55 -8.32 11.42
CA THR A 118 -18.35 -9.45 11.80
C THR A 118 -19.13 -9.18 13.09
N LYS A 119 -20.45 -9.29 12.99
CA LYS A 119 -21.37 -8.88 14.04
C LYS A 119 -22.12 -10.06 14.64
N VAL A 120 -21.98 -10.23 15.95
CA VAL A 120 -22.68 -11.24 16.68
C VAL A 120 -23.91 -10.60 17.26
N CYS A 121 -25.08 -10.92 16.71
CA CYS A 121 -26.30 -10.33 17.25
C CYS A 121 -27.17 -11.38 17.89
N SER A 122 -28.04 -10.92 18.78
CA SER A 122 -28.94 -11.82 19.40
C SER A 122 -30.31 -11.16 19.51
N PHE A 123 -31.32 -11.70 18.81
CA PHE A 123 -32.63 -11.08 18.83
C PHE A 123 -32.55 -9.92 17.88
N GLY A 124 -31.51 -9.95 17.06
CA GLY A 124 -31.38 -8.99 15.97
C GLY A 124 -30.54 -7.80 16.35
N LYS A 125 -30.39 -7.58 17.65
CA LYS A 125 -29.51 -6.54 18.14
C LYS A 125 -28.07 -7.07 18.17
N GLN A 126 -27.16 -6.24 17.68
CA GLN A 126 -25.75 -6.56 17.76
C GLN A 126 -25.33 -6.53 19.22
N VAL A 127 -24.63 -7.56 19.66
CA VAL A 127 -24.02 -7.51 20.99
C VAL A 127 -22.49 -7.38 20.99
N VAL A 128 -21.84 -7.62 19.84
CA VAL A 128 -20.40 -7.43 19.75
C VAL A 128 -19.95 -7.40 18.30
N GLU A 129 -19.07 -6.47 17.95
CA GLU A 129 -18.54 -6.42 16.59
C GLU A 129 -17.03 -6.67 16.59
N LYS A 130 -16.53 -7.30 15.54
CA LYS A 130 -15.10 -7.42 15.39
C LYS A 130 -14.75 -6.96 13.99
N VAL A 131 -13.68 -6.20 13.88
CA VAL A 131 -13.31 -5.64 12.60
C VAL A 131 -11.84 -5.78 12.39
N GLU A 132 -11.46 -6.34 11.24
CA GLU A 132 -10.04 -6.43 10.90
C GLU A 132 -9.82 -6.00 9.46
N THR A 133 -8.74 -5.25 9.25
CA THR A 133 -8.33 -4.92 7.90
C THR A 133 -7.41 -5.99 7.37
N GLU A 134 -7.59 -6.37 6.12
CA GLU A 134 -6.78 -7.43 5.53
C GLU A 134 -6.14 -7.00 4.21
N TYR A 135 -4.86 -7.31 4.02
CA TYR A 135 -4.20 -7.01 2.76
C TYR A 135 -3.94 -8.26 1.94
N ALA A 136 -3.67 -8.03 0.67
CA ALA A 136 -3.61 -9.11 -0.31
C ALA A 136 -2.19 -9.63 -0.47
N ARG A 137 -2.07 -10.88 -0.92
CA ARG A 137 -0.78 -11.36 -1.34
C ARG A 137 -0.94 -11.94 -2.71
N TYR A 138 0.00 -11.64 -3.60
CA TYR A 138 -0.04 -12.21 -4.92
C TYR A 138 0.34 -13.69 -4.89
N GLU A 139 -0.54 -14.55 -5.36
CA GLU A 139 -0.18 -15.93 -5.61
C GLU A 139 -0.85 -16.35 -6.91
N ASN A 140 -0.16 -17.17 -7.70
CA ASN A 140 -0.59 -17.41 -9.07
C ASN A 140 -1.18 -16.19 -9.73
N GLY A 141 -2.34 -16.33 -10.33
CA GLY A 141 -2.84 -15.25 -11.17
C GLY A 141 -3.62 -14.21 -10.41
N HIS A 142 -3.71 -14.39 -9.10
CA HIS A 142 -4.61 -13.59 -8.30
C HIS A 142 -4.01 -13.27 -6.95
N TYR A 143 -4.87 -12.79 -6.06
CA TYR A 143 -4.48 -12.27 -4.77
C TYR A 143 -5.24 -13.01 -3.67
N LEU A 144 -4.54 -13.35 -2.59
CA LEU A 144 -5.15 -14.04 -1.47
C LEU A 144 -5.26 -13.17 -0.21
N TYR A 145 -6.29 -13.43 0.56
CA TYR A 145 -6.50 -12.77 1.82
C TYR A 145 -6.77 -13.84 2.85
N ARG A 146 -5.87 -13.95 3.82
CA ARG A 146 -5.95 -14.93 4.89
C ARG A 146 -6.14 -14.24 6.24
N ILE A 147 -7.22 -14.56 6.94
CA ILE A 147 -7.33 -14.25 8.36
C ILE A 147 -6.89 -15.51 9.08
N HIS A 148 -5.95 -15.39 10.01
CA HIS A 148 -5.31 -16.61 10.53
C HIS A 148 -5.50 -16.76 12.03
N ARG A 149 -5.73 -17.99 12.45
CA ARG A 149 -5.95 -18.27 13.83
C ARG A 149 -6.30 -16.95 14.52
N SER A 150 -7.32 -16.24 14.02
CA SER A 150 -7.85 -15.13 14.83
C SER A 150 -7.87 -15.74 16.19
N PRO A 151 -8.18 -15.04 17.25
CA PRO A 151 -9.03 -15.51 18.33
C PRO A 151 -10.48 -15.21 18.41
N LEU A 152 -11.20 -16.01 19.19
CA LEU A 152 -12.64 -15.95 19.25
C LEU A 152 -13.04 -15.21 20.51
N CYS A 153 -13.93 -14.22 20.37
CA CYS A 153 -14.33 -13.40 21.50
C CYS A 153 -14.78 -14.21 22.70
N GLU A 154 -14.47 -13.72 23.90
CA GLU A 154 -14.91 -14.36 25.13
C GLU A 154 -16.41 -14.61 25.08
N TYR A 155 -17.15 -13.65 24.54
CA TYR A 155 -18.59 -13.78 24.42
C TYR A 155 -18.91 -15.14 23.82
N MET A 156 -18.45 -15.36 22.59
CA MET A 156 -18.69 -16.61 21.91
C MET A 156 -18.17 -17.79 22.73
N ILE A 157 -17.00 -17.66 23.31
CA ILE A 157 -16.46 -18.78 24.06
C ILE A 157 -17.44 -19.17 25.16
N ASN A 158 -17.94 -18.18 25.91
CA ASN A 158 -18.97 -18.44 26.93
C ASN A 158 -20.26 -19.02 26.34
N PHE A 159 -20.72 -18.42 25.25
CA PHE A 159 -21.91 -18.90 24.60
C PHE A 159 -21.81 -20.40 24.43
N ILE A 160 -20.68 -20.85 23.89
CA ILE A 160 -20.47 -22.28 23.65
C ILE A 160 -20.50 -23.11 24.93
N HIS A 161 -19.96 -22.56 26.01
CA HIS A 161 -19.99 -23.27 27.30
C HIS A 161 -21.44 -23.44 27.76
N LYS A 162 -22.16 -22.33 27.86
CA LYS A 162 -23.56 -22.35 28.28
C LYS A 162 -24.36 -23.31 27.39
N LEU A 163 -24.08 -23.31 26.08
CA LEU A 163 -24.72 -24.22 25.14
C LEU A 163 -24.44 -25.67 25.48
N LYS A 164 -23.18 -26.06 25.38
CA LYS A 164 -22.78 -27.44 25.65
C LYS A 164 -23.36 -27.92 26.96
N HIS A 165 -23.61 -27.00 27.89
CA HIS A 165 -24.13 -27.38 29.19
C HIS A 165 -25.64 -27.41 29.21
N LEU A 166 -26.22 -28.11 28.26
CA LEU A 166 -27.66 -28.20 28.17
C LEU A 166 -28.10 -29.64 28.04
N PRO A 167 -29.17 -30.00 28.72
CA PRO A 167 -29.60 -31.40 28.82
C PRO A 167 -29.77 -32.09 27.48
N GLU A 168 -30.27 -31.37 26.48
CA GLU A 168 -30.59 -31.97 25.18
C GLU A 168 -30.20 -31.02 24.06
N LYS A 169 -29.74 -31.58 22.94
CA LYS A 169 -29.35 -30.75 21.81
C LYS A 169 -30.48 -29.83 21.35
N TYR A 170 -31.70 -30.35 21.26
CA TYR A 170 -32.78 -29.57 20.67
C TYR A 170 -33.04 -28.29 21.44
N MET A 171 -32.77 -28.31 22.75
CA MET A 171 -32.85 -27.09 23.54
C MET A 171 -31.81 -26.11 23.05
N MET A 172 -30.66 -26.64 22.64
CA MET A 172 -29.59 -25.84 22.09
C MET A 172 -30.10 -25.15 20.83
N ASN A 173 -30.62 -25.95 19.90
CA ASN A 173 -31.17 -25.45 18.67
C ASN A 173 -32.18 -24.38 18.95
N SER A 174 -32.94 -24.61 19.99
CA SER A 174 -34.05 -23.74 20.33
C SER A 174 -33.51 -22.38 20.73
N VAL A 175 -32.45 -22.40 21.52
CA VAL A 175 -31.82 -21.17 21.94
C VAL A 175 -31.21 -20.47 20.74
N LEU A 176 -30.57 -21.23 19.87
CA LEU A 176 -29.93 -20.67 18.69
C LEU A 176 -30.92 -19.92 17.81
N GLU A 177 -32.19 -20.30 17.86
CA GLU A 177 -33.22 -19.59 17.10
C GLU A 177 -32.97 -18.08 17.01
N ASN A 178 -32.56 -17.46 18.11
CA ASN A 178 -32.33 -16.02 18.09
C ASN A 178 -30.86 -15.60 18.12
N PHE A 179 -29.98 -16.44 17.61
CA PHE A 179 -28.59 -16.08 17.54
C PHE A 179 -28.18 -16.06 16.07
N THR A 180 -27.68 -14.94 15.60
CA THR A 180 -27.16 -14.89 14.23
C THR A 180 -25.81 -14.16 14.18
N ILE A 181 -25.08 -14.35 13.08
CA ILE A 181 -23.84 -13.60 12.91
C ILE A 181 -23.84 -13.01 11.51
N LEU A 182 -23.80 -11.69 11.42
CA LEU A 182 -23.65 -11.02 10.14
C LEU A 182 -22.16 -10.70 9.89
N GLN A 183 -21.69 -11.07 8.71
CA GLN A 183 -20.30 -10.83 8.35
C GLN A 183 -20.17 -10.02 7.03
N VAL A 184 -19.82 -8.75 7.15
CA VAL A 184 -19.69 -7.88 6.00
C VAL A 184 -18.24 -7.52 5.69
N VAL A 185 -17.81 -7.85 4.47
CA VAL A 185 -16.47 -7.52 3.96
C VAL A 185 -16.52 -6.43 2.87
N THR A 186 -15.98 -5.25 3.14
CA THR A 186 -16.00 -4.20 2.13
C THR A 186 -14.62 -3.80 1.62
N ASN A 187 -14.60 -3.12 0.47
CA ASN A 187 -13.38 -2.53 -0.06
C ASN A 187 -13.11 -1.24 0.68
N ARG A 188 -11.92 -1.15 1.27
CA ARG A 188 -11.50 -0.01 2.10
C ARG A 188 -11.60 1.33 1.37
N ASP A 189 -11.10 1.35 0.15
CA ASP A 189 -11.00 2.57 -0.60
C ASP A 189 -12.34 2.97 -1.23
N THR A 190 -12.94 2.04 -1.96
CA THR A 190 -14.27 2.21 -2.50
C THR A 190 -15.11 1.49 -1.51
N GLN A 191 -16.00 2.16 -0.81
CA GLN A 191 -16.68 1.41 0.22
C GLN A 191 -17.59 0.34 -0.38
N GLU A 192 -17.19 -0.21 -1.52
CA GLU A 192 -17.99 -1.21 -2.21
C GLU A 192 -18.07 -2.49 -1.38
N THR A 193 -19.27 -3.06 -1.30
CA THR A 193 -19.46 -4.30 -0.57
C THR A 193 -19.14 -5.52 -1.42
N LEU A 194 -18.17 -6.30 -0.92
CA LEU A 194 -17.56 -7.40 -1.64
C LEU A 194 -18.25 -8.72 -1.30
N LEU A 195 -18.58 -8.88 -0.02
CA LEU A 195 -19.30 -10.06 0.46
C LEU A 195 -20.08 -9.71 1.71
N CYS A 196 -21.29 -10.27 1.79
CA CYS A 196 -22.08 -10.17 2.99
C CYS A 196 -22.62 -11.55 3.24
N ILE A 197 -22.20 -12.16 4.33
CA ILE A 197 -22.67 -13.50 4.65
C ILE A 197 -23.44 -13.52 5.95
N ALA A 198 -24.65 -14.07 5.88
CA ALA A 198 -25.50 -14.17 7.05
C ALA A 198 -25.33 -15.58 7.59
N TYR A 199 -25.31 -15.72 8.90
CA TYR A 199 -25.09 -17.04 9.49
C TYR A 199 -26.17 -17.36 10.50
N VAL A 200 -26.73 -18.56 10.36
CA VAL A 200 -27.71 -19.02 11.29
C VAL A 200 -27.38 -20.47 11.67
N PHE A 201 -27.52 -20.82 12.95
CA PHE A 201 -26.96 -22.08 13.48
C PHE A 201 -27.92 -23.11 14.02
N GLU A 202 -27.55 -24.36 13.86
CA GLU A 202 -28.15 -25.45 14.59
C GLU A 202 -27.02 -26.38 15.06
N VAL A 203 -27.29 -27.24 16.02
CA VAL A 203 -26.30 -28.25 16.44
C VAL A 203 -26.50 -29.59 15.74
N SER A 204 -25.45 -30.19 15.20
CA SER A 204 -25.64 -31.48 14.57
C SER A 204 -25.86 -32.59 15.58
N ALA A 205 -26.42 -33.71 15.12
CA ALA A 205 -26.70 -34.84 16.00
C ALA A 205 -25.53 -35.83 16.08
N SER A 206 -24.75 -35.89 14.99
CA SER A 206 -23.56 -36.75 14.94
C SER A 206 -22.98 -37.06 16.32
N ALA A 210 -20.71 -32.40 11.37
CA ALA A 210 -20.66 -30.95 11.13
C ALA A 210 -20.90 -30.60 9.66
N GLN A 211 -21.89 -29.75 9.40
CA GLN A 211 -22.35 -29.53 8.04
C GLN A 211 -22.88 -28.12 7.76
N HIS A 212 -23.22 -27.86 6.49
CA HIS A 212 -23.74 -26.54 6.10
C HIS A 212 -24.53 -26.56 4.78
N HIS A 213 -25.42 -25.60 4.62
CA HIS A 213 -26.01 -25.29 3.31
C HIS A 213 -25.74 -23.82 3.02
N ILE A 214 -25.39 -23.51 1.77
CA ILE A 214 -25.03 -22.15 1.40
C ILE A 214 -26.08 -21.62 0.44
N TYR A 215 -26.60 -20.42 0.70
CA TYR A 215 -27.69 -19.88 -0.12
C TYR A 215 -27.46 -18.48 -0.70
N ARG A 216 -27.77 -18.30 -1.98
CA ARG A 216 -27.84 -16.96 -2.56
C ARG A 216 -29.02 -16.20 -1.98
N LEU A 217 -28.78 -14.99 -1.50
CA LEU A 217 -29.87 -14.17 -0.99
C LEU A 217 -30.44 -13.30 -2.08
N VAL A 218 -31.76 -13.27 -2.16
CA VAL A 218 -32.44 -12.72 -3.32
C VAL A 218 -33.66 -11.88 -2.98
N LYS A 219 -33.97 -10.96 -3.91
CA LYS A 219 -35.21 -10.19 -3.95
C LYS A 219 -34.99 -9.11 -4.98
N GLU B 1 -23.22 -6.34 29.79
CA GLU B 1 -24.14 -6.69 28.66
C GLU B 1 -24.16 -8.20 28.36
N THR B 2 -24.45 -9.01 29.38
CA THR B 2 -24.69 -10.44 29.21
C THR B 2 -26.05 -10.61 28.52
N ASP B 3 -26.15 -9.97 27.36
CA ASP B 3 -27.27 -10.10 26.46
C ASP B 3 -27.39 -11.56 26.08
N LEU B 4 -26.47 -12.37 26.60
CA LEU B 4 -26.46 -13.80 26.30
C LEU B 4 -27.38 -14.54 27.28
N GLU B 5 -27.60 -13.94 28.44
CA GLU B 5 -28.52 -14.53 29.39
C GLU B 5 -29.92 -14.55 28.80
N ALA B 6 -30.33 -13.42 28.22
CA ALA B 6 -31.65 -13.30 27.63
C ALA B 6 -31.85 -14.29 26.49
N LEU B 7 -30.77 -14.87 26.01
CA LEU B 7 -30.87 -15.88 24.97
C LEU B 7 -31.31 -17.19 25.55
N PHE B 8 -30.91 -17.43 26.79
CA PHE B 8 -31.17 -18.70 27.43
C PHE B 8 -32.47 -18.69 28.20
N ASN B 9 -32.87 -17.51 28.67
CA ASN B 9 -34.12 -17.40 29.42
C ASN B 9 -35.32 -17.45 28.50
N ALA B 10 -35.14 -16.93 27.29
CA ALA B 10 -36.21 -16.89 26.30
C ALA B 10 -36.77 -18.27 26.06
N VAL B 11 -35.89 -19.27 26.07
CA VAL B 11 -36.29 -20.65 25.85
C VAL B 11 -36.40 -21.43 27.16
N MET B 12 -35.50 -21.12 28.09
CA MET B 12 -35.33 -21.94 29.28
C MET B 12 -36.09 -21.48 30.51
N ASN B 13 -36.69 -20.30 30.48
CA ASN B 13 -37.21 -19.74 31.74
C ASN B 13 -38.73 -19.67 31.99
N PRO B 14 -39.50 -19.56 30.90
CA PRO B 14 -39.08 -19.28 29.55
C PRO B 14 -39.66 -17.96 29.07
N LYS B 15 -40.80 -17.55 29.64
CA LYS B 15 -41.49 -16.32 29.26
C LYS B 15 -41.81 -15.54 30.54
N THR B 16 -40.92 -15.62 31.50
CA THR B 16 -40.98 -14.69 32.62
C THR B 16 -40.03 -13.53 32.28
N ALA B 17 -38.76 -13.83 32.06
CA ALA B 17 -37.77 -12.82 31.67
C ALA B 17 -38.02 -12.31 30.24
N ASN B 18 -37.89 -11.00 30.05
CA ASN B 18 -38.52 -10.31 28.91
C ASN B 18 -37.67 -10.03 27.66
N VAL B 19 -37.99 -10.75 26.59
CA VAL B 19 -37.40 -10.52 25.30
C VAL B 19 -38.57 -10.50 24.30
N PRO B 20 -38.37 -9.99 23.08
CA PRO B 20 -39.52 -9.84 22.20
C PRO B 20 -40.07 -11.19 21.70
N GLN B 21 -41.37 -11.23 21.43
CA GLN B 21 -42.01 -12.42 20.86
C GLN B 21 -41.39 -12.69 19.50
N THR B 22 -40.82 -13.86 19.34
CA THR B 22 -39.96 -14.14 18.21
C THR B 22 -40.53 -15.27 17.36
N VAL B 23 -40.45 -15.18 16.04
CA VAL B 23 -40.96 -16.27 15.21
C VAL B 23 -39.88 -17.21 14.63
N PRO B 24 -39.82 -18.46 15.13
CA PRO B 24 -38.83 -19.48 14.76
C PRO B 24 -38.81 -19.79 13.27
N MET B 25 -37.75 -20.45 12.83
CA MET B 25 -37.41 -20.50 11.43
C MET B 25 -38.23 -21.46 10.62
N ARG B 26 -38.83 -22.44 11.28
CA ARG B 26 -39.54 -23.48 10.56
C ARG B 26 -40.82 -22.89 10.08
N LEU B 27 -41.03 -21.62 10.41
CA LEU B 27 -42.30 -20.98 10.11
C LEU B 27 -42.13 -19.87 9.08
N ARG B 28 -41.04 -19.89 8.33
CA ARG B 28 -40.79 -18.84 7.36
C ARG B 28 -40.61 -19.55 6.03
N LYS B 29 -40.74 -18.84 4.91
CA LYS B 29 -40.55 -19.48 3.61
C LYS B 29 -39.08 -19.62 3.31
N LEU B 30 -38.48 -20.72 3.74
CA LEU B 30 -37.12 -21.01 3.37
C LEU B 30 -37.14 -22.33 2.64
N PRO B 31 -36.12 -22.61 1.84
CA PRO B 31 -36.13 -23.88 1.12
C PRO B 31 -36.23 -25.04 2.08
N ASP B 32 -36.42 -26.24 1.55
CA ASP B 32 -36.64 -27.42 2.36
C ASP B 32 -35.31 -27.93 2.91
N SER B 33 -34.27 -27.80 2.09
CA SER B 33 -32.94 -28.23 2.47
C SER B 33 -32.56 -27.60 3.78
N PHE B 34 -33.26 -26.53 4.13
CA PHE B 34 -32.84 -25.70 5.25
C PHE B 34 -32.82 -26.42 6.60
N PHE B 35 -33.46 -27.59 6.64
CA PHE B 35 -33.54 -28.34 7.88
C PHE B 35 -33.08 -29.76 7.68
N LYS B 36 -32.52 -30.04 6.50
CA LYS B 36 -32.05 -31.37 6.14
C LYS B 36 -30.54 -31.41 6.00
N PRO B 37 -29.84 -31.57 7.13
CA PRO B 37 -28.39 -31.58 7.02
C PRO B 37 -28.13 -32.56 5.92
N PRO B 38 -27.01 -32.40 5.21
CA PRO B 38 -26.60 -33.44 4.30
C PRO B 38 -25.77 -34.49 5.04
N GLU B 39 -25.34 -35.53 4.34
CA GLU B 39 -24.57 -36.61 4.93
C GLU B 39 -23.42 -37.07 4.03
N SER C 1 -8.85 2.11 -24.83
CA SER C 1 -9.62 2.94 -25.79
C SER C 1 -8.99 2.85 -27.16
N MET C 2 -9.71 3.32 -28.18
CA MET C 2 -9.17 3.40 -29.52
C MET C 2 -9.29 4.84 -29.95
N ARG C 3 -9.42 5.67 -28.93
CA ARG C 3 -9.43 7.09 -29.07
C ARG C 3 -8.27 7.67 -28.23
N SER C 4 -8.06 7.10 -27.04
CA SER C 4 -6.95 7.48 -26.20
C SER C 4 -5.83 6.46 -26.31
N ILE C 5 -4.66 6.79 -25.80
CA ILE C 5 -3.64 5.75 -25.67
C ILE C 5 -3.84 5.04 -24.34
N ALA C 6 -4.55 3.90 -24.40
CA ALA C 6 -4.97 3.17 -23.19
C ALA C 6 -5.22 1.67 -23.41
N SER C 7 -4.69 0.82 -22.51
CA SER C 7 -4.92 -0.63 -22.54
C SER C 7 -6.30 -0.87 -22.00
N SER C 8 -6.62 -2.12 -21.73
CA SER C 8 -7.79 -2.41 -20.90
C SER C 8 -7.51 -2.01 -19.47
N LYS C 9 -6.24 -1.89 -19.11
CA LYS C 9 -5.87 -1.73 -17.72
C LYS C 9 -5.03 -0.52 -17.38
N LEU C 10 -4.51 0.17 -18.37
CA LEU C 10 -3.72 1.33 -18.04
C LEU C 10 -4.01 2.42 -19.04
N TRP C 11 -4.14 3.64 -18.55
CA TRP C 11 -4.42 4.77 -19.41
C TRP C 11 -3.43 5.92 -19.16
N MET C 12 -2.64 6.26 -20.17
CA MET C 12 -1.71 7.39 -20.05
C MET C 12 -2.43 8.72 -20.14
N LEU C 13 -2.32 9.52 -19.09
CA LEU C 13 -3.05 10.77 -18.96
C LEU C 13 -2.28 11.93 -19.52
N GLU C 14 -0.96 11.82 -19.41
CA GLU C 14 -0.07 12.96 -19.59
C GLU C 14 1.36 12.50 -19.80
N PHE C 15 2.09 13.20 -20.67
CA PHE C 15 3.49 12.88 -20.90
C PHE C 15 4.16 14.14 -21.38
N SER C 16 5.27 14.48 -20.78
CA SER C 16 5.91 15.74 -21.07
C SER C 16 7.39 15.65 -20.78
N ALA C 17 8.19 16.17 -21.70
CA ALA C 17 9.63 16.29 -21.51
C ALA C 17 9.89 17.77 -21.60
N PHE C 18 10.69 18.29 -20.68
CA PHE C 18 10.77 19.74 -20.54
C PHE C 18 12.11 20.13 -20.01
N LEU C 19 12.37 21.42 -20.09
CA LEU C 19 13.58 22.01 -19.58
C LEU C 19 13.17 23.26 -18.78
N GLU C 20 13.74 23.46 -17.60
CA GLU C 20 13.40 24.66 -16.85
C GLU C 20 14.50 25.22 -15.97
N ARG C 21 14.33 26.50 -15.66
CA ARG C 21 15.16 27.21 -14.72
C ARG C 21 14.40 28.49 -14.38
N GLN C 22 14.74 29.17 -13.29
CA GLN C 22 14.17 30.51 -13.05
C GLN C 22 15.23 31.61 -12.95
N GLN C 23 14.87 32.83 -13.34
CA GLN C 23 15.46 34.02 -12.74
C GLN C 23 14.20 34.36 -12.00
N ASP C 24 14.28 34.86 -10.76
CA ASP C 24 13.10 34.79 -9.94
C ASP C 24 12.19 35.49 -10.87
N PRO C 25 10.95 34.98 -11.04
CA PRO C 25 10.45 33.60 -10.97
C PRO C 25 10.64 32.92 -12.33
N ASP C 26 10.09 31.74 -12.55
CA ASP C 26 10.68 30.80 -13.52
C ASP C 26 10.17 30.62 -14.97
N THR C 27 11.01 29.98 -15.76
CA THR C 27 10.76 29.77 -17.18
C THR C 27 11.03 28.30 -17.60
N TYR C 28 10.13 27.67 -18.37
CA TYR C 28 10.30 26.25 -18.73
C TYR C 28 9.67 25.73 -20.07
N ASN C 29 10.52 25.31 -21.03
CA ASN C 29 10.12 24.90 -22.41
C ASN C 29 9.67 23.45 -22.44
N LYS C 30 8.55 23.16 -23.09
CA LYS C 30 8.12 21.79 -23.29
C LYS C 30 8.65 21.23 -24.62
N HIS C 31 9.64 20.33 -24.57
CA HIS C 31 10.13 19.67 -25.81
C HIS C 31 9.00 18.87 -26.49
N LEU C 32 8.35 17.97 -25.74
CA LEU C 32 7.16 17.25 -26.21
C LEU C 32 6.09 17.26 -25.15
N PHE C 33 4.85 17.03 -25.57
CA PHE C 33 3.72 17.11 -24.65
C PHE C 33 2.51 16.34 -25.16
N VAL C 34 2.02 15.37 -24.39
CA VAL C 34 0.74 14.74 -24.69
C VAL C 34 -0.15 14.94 -23.48
N HIS C 35 -1.41 15.38 -23.71
CA HIS C 35 -2.38 15.56 -22.63
C HIS C 35 -3.76 14.98 -22.91
N ILE C 36 -3.94 13.67 -22.73
CA ILE C 36 -5.26 13.01 -22.90
C ILE C 36 -6.29 13.38 -21.81
N SER C 37 -7.45 13.89 -22.22
CA SER C 37 -8.63 13.99 -21.36
C SER C 37 -9.80 13.56 -22.17
N GLN C 38 -10.96 13.37 -21.53
CA GLN C 38 -12.12 12.81 -22.22
C GLN C 38 -12.88 13.73 -23.17
N ASP C 45 -14.32 11.41 -30.28
CA ASP C 45 -13.87 10.04 -30.50
C ASP C 45 -13.64 9.85 -31.98
N PRO C 46 -12.66 10.60 -32.53
CA PRO C 46 -12.00 10.25 -33.78
C PRO C 46 -11.47 8.95 -33.26
N TYR C 47 -10.85 8.15 -34.08
CA TYR C 47 -10.48 6.86 -33.62
C TYR C 47 -9.05 7.03 -34.04
N LEU C 48 -8.11 6.39 -33.35
CA LEU C 48 -6.71 6.48 -33.73
C LEU C 48 -6.48 5.78 -35.07
N GLU C 49 -5.64 6.35 -35.91
CA GLU C 49 -5.27 5.62 -37.11
C GLU C 49 -4.37 4.48 -36.69
N THR C 50 -4.28 3.46 -37.53
CA THR C 50 -3.52 2.32 -37.13
C THR C 50 -2.30 2.16 -38.02
N VAL C 51 -1.16 1.85 -37.40
CA VAL C 51 0.07 1.57 -38.12
C VAL C 51 0.32 0.08 -38.05
N ASP C 52 0.82 -0.47 -39.14
CA ASP C 52 1.20 -1.86 -39.18
C ASP C 52 2.51 -2.08 -38.43
N ILE C 53 2.42 -2.60 -37.21
CA ILE C 53 3.60 -2.84 -36.39
C ILE C 53 4.77 -3.33 -37.27
N ARG C 54 4.50 -4.29 -38.15
CA ARG C 54 5.53 -4.96 -38.94
C ARG C 54 6.41 -3.95 -39.67
N GLN C 55 5.88 -2.77 -39.95
CA GLN C 55 6.62 -1.77 -40.72
C GLN C 55 7.59 -1.00 -39.82
N ILE C 56 7.57 -1.33 -38.54
CA ILE C 56 8.26 -0.52 -37.58
C ILE C 56 9.29 -1.28 -36.75
N TYR C 57 9.29 -2.62 -36.87
CA TYR C 57 10.05 -3.50 -35.99
C TYR C 57 11.53 -3.24 -35.94
N ASP C 58 12.12 -3.04 -37.12
CA ASP C 58 13.54 -2.90 -37.24
C ASP C 58 13.99 -1.57 -36.69
N LYS C 59 13.03 -0.78 -36.23
CA LYS C 59 13.35 0.52 -35.69
C LYS C 59 13.45 0.41 -34.19
N PHE C 60 13.30 -0.80 -33.69
CA PHE C 60 13.33 -1.01 -32.25
C PHE C 60 13.99 -2.34 -31.92
N PRO C 61 14.28 -2.55 -30.62
CA PRO C 61 15.00 -3.72 -30.16
C PRO C 61 14.36 -4.95 -30.73
N GLU C 62 15.16 -5.93 -31.12
CA GLU C 62 14.66 -6.88 -32.07
C GLU C 62 14.50 -8.35 -31.77
N LYS C 63 15.03 -8.89 -30.69
CA LYS C 63 14.95 -10.36 -30.61
C LYS C 63 14.44 -11.06 -29.34
N LYS C 64 14.48 -10.40 -28.20
CA LYS C 64 14.32 -11.15 -26.97
C LYS C 64 13.42 -10.48 -25.99
N GLY C 65 13.67 -9.20 -25.80
CA GLY C 65 12.67 -8.35 -25.16
C GLY C 65 12.67 -7.49 -26.38
N GLY C 66 11.67 -7.58 -27.23
CA GLY C 66 11.86 -7.00 -28.55
C GLY C 66 10.46 -6.58 -28.81
N LEU C 67 10.25 -5.56 -29.62
CA LEU C 67 8.89 -5.12 -29.86
C LEU C 67 8.06 -6.30 -30.37
N LYS C 68 8.57 -7.02 -31.37
CA LYS C 68 7.85 -8.17 -31.89
C LYS C 68 7.40 -9.16 -30.79
N GLU C 69 8.34 -9.74 -30.06
CA GLU C 69 7.99 -10.73 -29.08
C GLU C 69 6.91 -10.21 -28.15
N LEU C 70 7.10 -8.98 -27.68
CA LEU C 70 6.14 -8.40 -26.75
C LEU C 70 4.81 -8.31 -27.46
N PHE C 71 4.80 -7.74 -28.67
CA PHE C 71 3.53 -7.54 -29.32
C PHE C 71 2.83 -8.85 -29.44
N GLU C 72 3.55 -9.88 -29.90
CA GLU C 72 2.95 -11.17 -30.08
C GLU C 72 2.56 -11.85 -28.79
N ARG C 73 2.93 -11.26 -27.66
CA ARG C 73 2.66 -11.89 -26.39
C ARG C 73 1.64 -11.24 -25.52
N GLY C 74 1.60 -9.90 -25.49
CA GLY C 74 0.83 -9.16 -24.47
C GLY C 74 -0.40 -8.78 -25.22
N PRO C 75 -1.37 -8.16 -24.54
CA PRO C 75 -2.62 -7.81 -25.22
C PRO C 75 -2.36 -6.79 -26.33
N SER C 76 -2.95 -7.00 -27.50
CA SER C 76 -2.76 -6.11 -28.65
C SER C 76 -3.17 -4.65 -28.38
N ASN C 77 -4.28 -4.45 -27.67
CA ASN C 77 -4.75 -3.11 -27.39
C ASN C 77 -3.86 -2.35 -26.41
N ALA C 78 -2.70 -2.90 -26.11
CA ALA C 78 -1.76 -2.24 -25.21
C ALA C 78 -0.71 -1.42 -25.98
N PHE C 79 -0.62 -1.65 -27.29
CA PHE C 79 0.51 -1.20 -28.10
C PHE C 79 0.24 0.06 -28.92
N PHE C 80 1.09 1.06 -28.77
CA PHE C 80 0.87 2.33 -29.46
C PHE C 80 2.14 2.90 -30.05
N LEU C 81 1.97 3.72 -31.08
CA LEU C 81 3.08 4.45 -31.65
C LEU C 81 2.76 5.95 -31.64
N VAL C 82 3.61 6.72 -30.99
CA VAL C 82 3.48 8.16 -31.01
C VAL C 82 4.58 8.73 -31.88
N LYS C 83 4.22 9.57 -32.84
CA LYS C 83 5.17 10.33 -33.65
C LYS C 83 5.24 11.75 -33.09
N PHE C 84 6.43 12.16 -32.67
CA PHE C 84 6.61 13.46 -32.05
C PHE C 84 7.25 14.46 -33.00
N TRP C 85 6.83 15.71 -32.86
CA TRP C 85 7.50 16.78 -33.54
C TRP C 85 8.07 17.73 -32.47
N ALA C 86 9.31 17.48 -32.06
CA ALA C 86 9.90 18.17 -30.90
C ALA C 86 10.08 19.64 -31.12
N ASP C 87 9.88 20.42 -30.07
CA ASP C 87 10.25 21.82 -30.10
C ASP C 87 11.57 22.08 -29.38
N LEU C 88 12.64 22.24 -30.18
CA LEU C 88 14.00 22.43 -29.65
C LEU C 88 14.33 23.90 -29.46
N ASN C 89 13.40 24.75 -29.84
CA ASN C 89 13.62 26.18 -29.87
C ASN C 89 13.58 26.76 -28.47
N THR C 90 14.61 26.49 -27.68
CA THR C 90 14.67 27.05 -26.34
C THR C 90 16.04 27.62 -26.02
N ASN C 91 16.06 28.63 -25.17
CA ASN C 91 17.28 29.34 -24.87
C ASN C 91 17.70 29.18 -23.41
N ILE C 92 17.06 28.24 -22.72
CA ILE C 92 17.17 28.16 -21.25
C ILE C 92 18.48 27.54 -20.74
N ASP C 93 19.04 26.60 -21.49
CA ASP C 93 20.29 25.94 -21.07
C ASP C 93 21.54 26.70 -21.53
N ASP C 94 21.34 27.90 -22.08
CA ASP C 94 22.45 28.81 -22.38
C ASP C 94 23.21 29.09 -21.09
N GLU C 95 22.46 29.17 -19.99
CA GLU C 95 23.05 29.29 -18.66
C GLU C 95 23.89 28.06 -18.30
N GLY C 96 23.48 26.89 -18.79
CA GLY C 96 24.11 25.67 -18.34
C GLY C 96 23.65 25.28 -16.95
N SER C 97 22.77 26.09 -16.36
CA SER C 97 22.24 25.75 -15.03
C SER C 97 20.73 25.41 -15.06
N ALA C 98 20.31 24.62 -16.03
CA ALA C 98 18.90 24.32 -16.21
C ALA C 98 18.55 22.94 -15.69
N PHE C 99 17.26 22.63 -15.59
CA PHE C 99 16.86 21.28 -15.25
C PHE C 99 16.13 20.54 -16.38
N TYR C 100 16.67 19.39 -16.77
CA TYR C 100 16.04 18.55 -17.78
C TYR C 100 15.29 17.42 -17.11
N GLY C 101 13.99 17.33 -17.39
CA GLY C 101 13.15 16.36 -16.70
C GLY C 101 12.02 15.86 -17.58
N VAL C 102 11.57 14.65 -17.29
CA VAL C 102 10.38 14.09 -17.90
C VAL C 102 9.36 13.70 -16.82
N SER C 103 8.09 13.83 -17.17
CA SER C 103 6.99 13.54 -16.26
C SER C 103 5.87 12.86 -17.03
N SER C 104 5.24 11.86 -16.43
CA SER C 104 4.03 11.26 -17.01
C SER C 104 3.05 10.88 -15.92
N GLN C 105 1.76 10.90 -16.26
CA GLN C 105 0.69 10.46 -15.36
C GLN C 105 -0.15 9.37 -16.00
N TYR C 106 -0.58 8.38 -15.20
CA TYR C 106 -1.37 7.25 -15.71
C TYR C 106 -2.55 6.93 -14.77
N GLU C 107 -3.53 6.19 -15.29
CA GLU C 107 -4.75 5.89 -14.53
C GLU C 107 -5.15 4.45 -14.78
N SER C 108 -5.73 3.81 -13.77
CA SER C 108 -6.10 2.42 -13.89
C SER C 108 -7.26 2.09 -12.99
N PRO C 109 -8.22 1.29 -13.48
CA PRO C 109 -9.36 0.94 -12.63
C PRO C 109 -8.91 0.13 -11.42
N GLU C 110 -7.67 -0.33 -11.49
CA GLU C 110 -7.19 -1.41 -10.66
C GLU C 110 -5.92 -1.01 -9.94
N ASN C 111 -5.82 -1.39 -8.67
CA ASN C 111 -4.62 -1.13 -7.88
C ASN C 111 -3.44 -2.09 -8.21
N MET C 112 -2.31 -1.53 -8.60
CA MET C 112 -1.18 -2.34 -9.05
C MET C 112 0.15 -1.76 -8.62
N ILE C 113 1.23 -2.47 -8.89
CA ILE C 113 2.57 -1.92 -8.79
C ILE C 113 3.07 -2.01 -10.20
N ILE C 114 3.48 -0.91 -10.80
CA ILE C 114 3.90 -0.96 -12.20
C ILE C 114 5.39 -0.67 -12.36
N THR C 115 6.00 -1.31 -13.34
CA THR C 115 7.38 -1.01 -13.69
C THR C 115 7.41 -0.34 -15.04
N CYS C 116 7.84 0.92 -15.09
CA CYS C 116 8.04 1.53 -16.39
C CYS C 116 9.46 1.31 -16.91
N SER C 117 9.57 0.94 -18.18
CA SER C 117 10.88 0.74 -18.78
C SER C 117 11.02 1.54 -20.05
N THR C 118 11.93 2.49 -20.06
CA THR C 118 12.15 3.20 -21.27
C THR C 118 13.52 2.88 -21.87
N LYS C 119 13.56 2.55 -23.15
CA LYS C 119 14.82 2.25 -23.82
C LYS C 119 15.09 3.21 -24.94
N VAL C 120 16.23 3.87 -24.89
CA VAL C 120 16.61 4.74 -25.95
C VAL C 120 17.43 3.93 -26.92
N CYS C 121 17.05 3.97 -28.20
CA CYS C 121 17.68 3.11 -29.19
C CYS C 121 18.30 3.87 -30.33
N SER C 122 19.37 3.31 -30.88
CA SER C 122 20.05 3.87 -32.04
C SER C 122 20.10 2.87 -33.17
N PHE C 123 19.45 3.16 -34.29
CA PHE C 123 19.59 2.27 -35.43
C PHE C 123 18.93 0.96 -35.06
N GLY C 124 18.02 1.02 -34.10
CA GLY C 124 17.21 -0.13 -33.81
C GLY C 124 17.68 -0.75 -32.53
N LYS C 125 18.97 -0.55 -32.23
CA LYS C 125 19.55 -1.15 -31.02
C LYS C 125 19.46 -0.25 -29.79
N GLN C 126 19.38 -0.87 -28.62
CA GLN C 126 19.14 -0.09 -27.40
C GLN C 126 20.46 0.44 -26.90
N VAL C 127 20.45 1.70 -26.51
CA VAL C 127 21.67 2.38 -26.13
C VAL C 127 21.68 2.51 -24.61
N VAL C 128 20.54 2.83 -24.03
CA VAL C 128 20.43 2.82 -22.60
C VAL C 128 18.99 2.52 -22.11
N GLU C 129 18.85 2.04 -20.89
CA GLU C 129 17.53 1.66 -20.37
C GLU C 129 17.29 2.24 -19.00
N LYS C 130 16.29 3.08 -18.85
CA LYS C 130 15.92 3.45 -17.51
C LYS C 130 14.73 2.59 -17.07
N VAL C 131 14.81 2.05 -15.85
CA VAL C 131 13.70 1.31 -15.28
C VAL C 131 13.26 1.95 -13.98
N GLU C 132 11.97 2.26 -13.87
CA GLU C 132 11.45 2.87 -12.64
C GLU C 132 10.27 2.05 -12.15
N THR C 133 9.99 2.12 -10.86
CA THR C 133 8.81 1.48 -10.31
C THR C 133 7.87 2.56 -9.79
N GLU C 134 6.61 2.51 -10.19
CA GLU C 134 5.64 3.46 -9.67
C GLU C 134 4.53 2.75 -8.90
N TYR C 135 3.97 3.46 -7.94
CA TYR C 135 2.95 2.89 -7.08
C TYR C 135 1.62 3.67 -7.14
N ALA C 136 0.53 3.01 -6.77
CA ALA C 136 -0.80 3.54 -6.99
C ALA C 136 -1.23 4.45 -5.88
N ARG C 137 -1.99 5.50 -6.22
CA ARG C 137 -2.79 6.20 -5.21
C ARG C 137 -4.24 6.25 -5.66
N TYR C 138 -5.16 6.17 -4.72
CA TYR C 138 -6.55 6.07 -5.05
C TYR C 138 -7.18 7.45 -5.18
N GLU C 139 -7.95 7.66 -6.26
CA GLU C 139 -8.67 8.92 -6.35
C GLU C 139 -10.18 8.83 -6.53
N ASN C 140 -10.66 8.28 -7.62
CA ASN C 140 -12.12 8.15 -7.61
C ASN C 140 -12.73 6.78 -7.54
N GLY C 141 -12.61 5.99 -8.57
CA GLY C 141 -12.97 4.60 -8.41
C GLY C 141 -11.69 4.07 -8.95
N HIS C 142 -10.72 4.98 -9.07
CA HIS C 142 -9.50 4.60 -9.78
C HIS C 142 -8.20 4.93 -9.07
N TYR C 143 -7.13 4.39 -9.61
CA TYR C 143 -5.80 4.55 -9.07
C TYR C 143 -4.89 5.35 -10.00
N LEU C 144 -4.18 6.29 -9.41
CA LEU C 144 -3.33 7.17 -10.17
C LEU C 144 -1.85 6.85 -9.99
N TYR C 145 -1.12 6.76 -11.09
CA TYR C 145 0.32 6.59 -11.06
C TYR C 145 1.01 7.79 -11.70
N ARG C 146 2.29 8.00 -11.41
CA ARG C 146 3.04 9.12 -12.00
C ARG C 146 4.57 9.02 -11.87
N ILE C 147 5.25 9.35 -12.96
CA ILE C 147 6.67 9.60 -12.86
C ILE C 147 6.82 11.10 -12.68
N HIS C 148 7.07 11.56 -11.46
CA HIS C 148 7.12 12.98 -11.21
C HIS C 148 8.35 13.62 -11.81
N ARG C 149 8.49 14.93 -11.66
CA ARG C 149 9.46 15.69 -12.46
C ARG C 149 10.91 15.30 -12.20
N SER C 150 11.37 14.21 -12.82
CA SER C 150 12.73 13.75 -12.55
C SER C 150 13.18 12.60 -13.43
N PRO C 151 14.47 12.61 -13.81
CA PRO C 151 15.34 13.67 -14.30
C PRO C 151 16.06 13.14 -15.54
N LEU C 152 16.15 13.94 -16.60
CA LEU C 152 16.66 13.49 -17.89
C LEU C 152 18.15 13.11 -17.84
N CYS C 153 18.47 11.90 -18.29
CA CYS C 153 19.83 11.35 -18.18
C CYS C 153 20.84 11.99 -19.17
N GLU C 154 22.13 11.98 -18.82
CA GLU C 154 23.15 12.73 -19.58
C GLU C 154 23.12 12.49 -21.09
N TYR C 155 23.17 11.23 -21.50
CA TYR C 155 23.08 10.87 -22.90
C TYR C 155 22.01 11.75 -23.56
N MET C 156 20.80 11.71 -22.99
CA MET C 156 19.67 12.46 -23.51
C MET C 156 19.99 13.94 -23.60
N ILE C 157 20.64 14.47 -22.58
CA ILE C 157 20.94 15.88 -22.57
C ILE C 157 21.98 16.20 -23.63
N ASN C 158 23.11 15.52 -23.60
CA ASN C 158 24.12 15.74 -24.63
C ASN C 158 23.55 15.58 -26.03
N PHE C 159 22.60 14.67 -26.18
CA PHE C 159 21.95 14.49 -27.46
C PHE C 159 21.21 15.76 -27.89
N ILE C 160 20.44 16.32 -26.97
CA ILE C 160 19.72 17.57 -27.21
C ILE C 160 20.66 18.67 -27.68
N HIS C 161 21.79 18.79 -26.97
CA HIS C 161 22.83 19.77 -27.27
C HIS C 161 23.32 19.66 -28.70
N LYS C 162 23.91 18.52 -29.02
CA LYS C 162 24.48 18.30 -30.33
C LYS C 162 23.42 18.55 -31.37
N LEU C 163 22.19 18.13 -31.10
CA LEU C 163 21.08 18.34 -32.01
C LEU C 163 20.91 19.80 -32.40
N LYS C 164 20.71 20.70 -31.42
CA LYS C 164 20.53 22.11 -31.77
C LYS C 164 21.84 22.88 -32.06
N HIS C 165 22.91 22.16 -32.37
CA HIS C 165 24.11 22.80 -32.88
C HIS C 165 24.13 22.67 -34.38
N LEU C 166 23.17 21.90 -34.91
CA LEU C 166 23.06 21.73 -36.35
C LEU C 166 22.35 22.92 -36.99
N PRO C 167 23.03 23.56 -37.96
CA PRO C 167 22.58 24.77 -38.67
C PRO C 167 21.21 24.65 -39.35
N GLU C 168 20.77 23.44 -39.64
CA GLU C 168 19.52 23.27 -40.35
C GLU C 168 18.63 22.25 -39.65
N LYS C 169 17.32 22.45 -39.72
CA LYS C 169 16.36 21.47 -39.22
C LYS C 169 16.36 20.17 -40.02
N TYR C 170 16.49 20.29 -41.34
CA TYR C 170 16.46 19.10 -42.15
C TYR C 170 17.54 18.13 -41.69
N MET C 171 18.60 18.70 -41.11
CA MET C 171 19.71 17.92 -40.54
C MET C 171 19.32 17.26 -39.21
N MET C 172 18.57 17.99 -38.40
CA MET C 172 18.03 17.42 -37.18
C MET C 172 17.15 16.19 -37.50
N ASN C 173 16.25 16.34 -38.47
CA ASN C 173 15.37 15.24 -38.81
C ASN C 173 16.18 14.05 -39.31
N SER C 174 17.30 14.36 -39.95
CA SER C 174 18.14 13.29 -40.46
C SER C 174 18.64 12.50 -39.27
N VAL C 175 19.33 13.15 -38.35
CA VAL C 175 19.84 12.42 -37.19
C VAL C 175 18.69 11.67 -36.56
N LEU C 176 17.57 12.37 -36.35
CA LEU C 176 16.42 11.80 -35.68
C LEU C 176 15.78 10.58 -36.40
N GLU C 177 15.98 10.41 -37.71
CA GLU C 177 15.36 9.24 -38.35
C GLU C 177 15.73 7.94 -37.66
N ASN C 178 16.95 7.85 -37.14
CA ASN C 178 17.41 6.61 -36.49
C ASN C 178 17.50 6.70 -34.96
N PHE C 179 16.81 7.67 -34.40
CA PHE C 179 16.65 7.76 -32.95
C PHE C 179 15.26 7.29 -32.62
N THR C 180 15.14 6.39 -31.65
CA THR C 180 13.81 5.91 -31.23
C THR C 180 13.76 5.56 -29.74
N ILE C 181 12.58 5.62 -29.13
CA ILE C 181 12.45 5.25 -27.72
C ILE C 181 11.27 4.31 -27.52
N LEU C 182 11.50 3.22 -26.81
CA LEU C 182 10.45 2.23 -26.55
C LEU C 182 10.18 2.28 -25.06
N GLN C 183 8.93 2.54 -24.72
CA GLN C 183 8.52 2.60 -23.32
C GLN C 183 7.60 1.40 -23.07
N VAL C 184 7.90 0.62 -22.04
CA VAL C 184 7.07 -0.54 -21.79
C VAL C 184 6.63 -0.57 -20.35
N VAL C 185 5.33 -0.45 -20.10
CA VAL C 185 4.85 -0.44 -18.73
C VAL C 185 4.23 -1.78 -18.36
N THR C 186 4.74 -2.43 -17.33
CA THR C 186 4.15 -3.70 -17.00
C THR C 186 3.76 -3.80 -15.54
N ASN C 187 2.83 -4.70 -15.26
CA ASN C 187 2.42 -5.02 -13.91
C ASN C 187 3.53 -5.83 -13.24
N ARG C 188 4.07 -5.37 -12.11
CA ARG C 188 5.21 -6.07 -11.54
C ARG C 188 4.88 -7.50 -11.07
N ASP C 189 3.70 -7.68 -10.49
CA ASP C 189 3.30 -8.98 -9.95
C ASP C 189 3.01 -9.99 -11.06
N THR C 190 1.93 -9.77 -11.79
CA THR C 190 1.66 -10.55 -12.99
C THR C 190 2.71 -9.98 -13.91
N GLN C 191 3.04 -10.60 -15.02
CA GLN C 191 4.02 -9.88 -15.81
C GLN C 191 3.39 -9.22 -17.01
N GLU C 192 2.17 -8.72 -16.83
CA GLU C 192 1.37 -8.32 -17.95
C GLU C 192 1.80 -6.98 -18.51
N THR C 193 1.90 -6.90 -19.83
CA THR C 193 2.12 -5.62 -20.50
C THR C 193 0.90 -4.69 -20.35
N LEU C 194 1.09 -3.60 -19.62
CA LEU C 194 0.00 -2.68 -19.38
C LEU C 194 -0.14 -1.68 -20.52
N LEU C 195 1.00 -1.20 -20.98
CA LEU C 195 1.12 -0.23 -22.05
C LEU C 195 2.47 -0.44 -22.67
N CYS C 196 2.54 -0.35 -23.99
CA CYS C 196 3.81 -0.33 -24.68
C CYS C 196 3.73 0.77 -25.74
N ILE C 197 4.50 1.83 -25.51
CA ILE C 197 4.51 2.97 -26.41
C ILE C 197 5.83 3.09 -27.15
N ALA C 198 5.75 3.24 -28.47
CA ALA C 198 6.93 3.40 -29.30
C ALA C 198 7.03 4.83 -29.82
N TYR C 199 8.19 5.44 -29.70
CA TYR C 199 8.30 6.85 -30.03
C TYR C 199 9.27 7.13 -31.15
N VAL C 200 8.81 7.90 -32.12
CA VAL C 200 9.59 8.23 -33.29
C VAL C 200 9.58 9.75 -33.38
N PHE C 201 10.67 10.34 -33.87
CA PHE C 201 10.86 11.77 -33.67
C PHE C 201 11.13 12.57 -34.91
N GLU C 202 10.76 13.83 -34.86
CA GLU C 202 11.18 14.74 -35.89
C GLU C 202 11.18 16.13 -35.26
N VAL C 203 11.83 17.09 -35.91
CA VAL C 203 11.79 18.45 -35.38
C VAL C 203 10.64 19.29 -35.92
N SER C 204 9.89 19.91 -35.02
CA SER C 204 8.77 20.74 -35.43
C SER C 204 9.19 21.81 -36.42
N ALA C 205 8.49 21.90 -37.53
CA ALA C 205 8.85 22.86 -38.57
C ALA C 205 8.49 24.28 -38.15
N SER C 206 7.46 24.40 -37.32
CA SER C 206 7.03 25.71 -36.83
C SER C 206 8.13 26.54 -36.18
N GLU C 207 7.81 27.81 -35.94
CA GLU C 207 8.59 28.71 -35.06
C GLU C 207 8.78 28.16 -33.63
N HIS C 208 7.66 27.95 -32.96
CA HIS C 208 7.65 27.44 -31.60
C HIS C 208 6.59 26.33 -31.61
N GLY C 209 6.42 25.62 -30.49
CA GLY C 209 5.35 24.62 -30.38
C GLY C 209 5.63 23.24 -30.94
N ALA C 210 5.32 22.21 -30.15
CA ALA C 210 5.53 20.83 -30.54
C ALA C 210 4.19 20.22 -30.89
N GLN C 211 4.19 19.18 -31.70
CA GLN C 211 2.96 18.46 -32.02
C GLN C 211 3.15 16.95 -31.89
N HIS C 212 2.12 16.18 -32.27
CA HIS C 212 2.21 14.73 -32.23
C HIS C 212 1.02 14.03 -32.87
N HIS C 213 1.21 12.80 -33.32
CA HIS C 213 0.10 11.97 -33.75
C HIS C 213 0.22 10.64 -33.05
N ILE C 214 -0.91 10.00 -32.77
CA ILE C 214 -0.95 8.78 -31.96
C ILE C 214 -1.55 7.66 -32.80
N TYR C 215 -0.96 6.48 -32.74
CA TYR C 215 -1.47 5.35 -33.49
C TYR C 215 -1.58 4.07 -32.68
N ARG C 216 -2.58 3.26 -32.99
CA ARG C 216 -2.63 1.87 -32.52
C ARG C 216 -1.75 1.01 -33.43
N LEU C 217 -0.97 0.11 -32.85
CA LEU C 217 -0.17 -0.80 -33.66
C LEU C 217 -0.98 -2.08 -33.86
N VAL C 218 -0.89 -2.69 -35.04
CA VAL C 218 -1.81 -3.78 -35.38
C VAL C 218 -1.18 -4.81 -36.29
N LYS C 219 -1.99 -5.81 -36.67
CA LYS C 219 -1.67 -6.76 -37.75
C LYS C 219 -0.48 -7.62 -37.38
N THR D 2 29.82 9.42 -27.17
CA THR D 2 30.49 8.09 -27.16
C THR D 2 29.76 7.12 -28.09
N ASP D 3 28.45 7.02 -27.90
CA ASP D 3 27.58 6.30 -28.83
C ASP D 3 26.65 7.26 -29.59
N LEU D 4 26.35 8.41 -28.98
CA LEU D 4 25.47 9.38 -29.64
C LEU D 4 26.13 9.85 -30.92
N GLU D 5 27.45 9.95 -30.86
CA GLU D 5 28.23 10.37 -32.00
C GLU D 5 27.83 9.63 -33.28
N ALA D 6 27.64 8.32 -33.20
CA ALA D 6 27.34 7.52 -34.40
C ALA D 6 25.99 7.85 -35.07
N LEU D 7 25.13 8.55 -34.34
CA LEU D 7 23.84 8.96 -34.90
C LEU D 7 24.06 10.20 -35.75
N PHE D 8 25.07 10.97 -35.36
CA PHE D 8 25.41 12.19 -36.07
C PHE D 8 26.41 11.89 -37.15
N ASN D 9 27.19 10.84 -36.94
CA ASN D 9 28.29 10.54 -37.84
C ASN D 9 27.82 10.10 -39.23
N ALA D 10 26.53 10.29 -39.48
CA ALA D 10 25.92 10.14 -40.81
C ALA D 10 25.65 11.49 -41.54
N VAL D 11 25.58 12.58 -40.79
CA VAL D 11 25.27 13.91 -41.33
C VAL D 11 26.49 14.80 -41.25
N MET D 12 27.31 14.53 -40.24
CA MET D 12 28.53 15.26 -39.97
C MET D 12 29.49 15.07 -41.15
N ASN D 13 29.76 13.82 -41.51
CA ASN D 13 30.42 13.51 -42.76
C ASN D 13 29.53 12.67 -43.72
N PRO D 14 28.62 13.36 -44.44
CA PRO D 14 27.57 12.74 -45.25
C PRO D 14 28.07 11.88 -46.42
N LYS D 15 29.11 12.32 -47.12
CA LYS D 15 29.49 11.65 -48.36
C LYS D 15 30.09 10.24 -48.21
N THR D 16 30.61 9.91 -47.02
CA THR D 16 31.38 8.68 -46.85
C THR D 16 31.12 7.92 -45.56
N ALA D 17 30.16 8.37 -44.76
CA ALA D 17 29.89 7.75 -43.46
C ALA D 17 29.42 6.29 -43.54
N ASN D 18 30.06 5.41 -42.79
CA ASN D 18 29.70 4.01 -42.85
C ASN D 18 28.76 3.56 -41.74
N VAL D 19 27.45 3.69 -41.96
CA VAL D 19 26.46 3.37 -40.94
C VAL D 19 25.45 2.31 -41.37
N PRO D 20 24.65 1.77 -40.41
CA PRO D 20 23.66 0.81 -40.83
C PRO D 20 22.70 1.42 -41.84
N GLN D 21 22.40 0.67 -42.88
CA GLN D 21 21.57 1.12 -43.97
C GLN D 21 20.15 0.65 -43.72
N THR D 22 19.17 1.48 -44.02
CA THR D 22 17.79 1.01 -44.01
C THR D 22 16.87 1.92 -44.81
N VAL D 23 15.63 1.47 -45.05
CA VAL D 23 14.75 2.23 -45.92
C VAL D 23 14.23 3.37 -45.10
N PRO D 24 14.36 4.60 -45.66
CA PRO D 24 13.87 5.83 -45.05
C PRO D 24 12.43 5.73 -44.67
N MET D 25 12.08 6.26 -43.50
CA MET D 25 10.74 6.14 -42.94
C MET D 25 9.60 6.80 -43.63
N ARG D 26 9.77 7.32 -44.80
CA ARG D 26 8.79 8.23 -45.23
C ARG D 26 8.66 7.80 -46.67
N LEU D 27 9.20 6.61 -46.88
CA LEU D 27 9.21 5.90 -48.13
C LEU D 27 8.60 4.49 -47.89
N ARG D 28 8.05 4.28 -46.70
CA ARG D 28 7.40 3.00 -46.42
C ARG D 28 5.92 3.15 -46.10
N LYS D 29 5.27 2.04 -45.77
CA LYS D 29 3.83 1.97 -45.68
C LYS D 29 3.26 2.59 -44.42
N LEU D 30 3.24 3.92 -44.34
CA LEU D 30 2.63 4.56 -43.20
C LEU D 30 1.59 5.60 -43.62
N PRO D 31 0.64 5.89 -42.73
CA PRO D 31 -0.40 6.90 -42.94
C PRO D 31 0.18 8.28 -43.19
N ASP D 32 -0.27 8.97 -44.24
CA ASP D 32 0.25 10.32 -44.50
C ASP D 32 0.22 11.18 -43.25
N SER D 33 -0.71 10.90 -42.35
CA SER D 33 -0.80 11.71 -41.14
C SER D 33 0.60 11.81 -40.59
N PHE D 34 1.43 10.84 -40.96
CA PHE D 34 2.69 10.57 -40.30
C PHE D 34 3.81 11.55 -40.65
N PHE D 35 3.54 12.41 -41.62
CA PHE D 35 4.48 13.45 -42.03
C PHE D 35 3.76 14.79 -42.23
N LYS D 36 2.59 14.92 -41.64
CA LYS D 36 1.84 16.19 -41.62
C LYS D 36 2.75 17.36 -42.04
N SER E 1 9.85 14.05 15.57
CA SER E 1 8.51 14.49 16.07
C SER E 1 8.67 15.46 17.21
N MET E 2 8.08 16.64 17.08
CA MET E 2 8.36 17.78 17.97
C MET E 2 9.78 18.31 17.79
N ARG E 3 10.52 17.68 16.89
CA ARG E 3 11.80 18.19 16.47
C ARG E 3 11.45 18.95 15.20
N SER E 4 10.36 18.50 14.59
CA SER E 4 9.69 19.30 13.59
C SER E 4 8.19 19.07 13.64
N ILE E 5 7.52 19.44 12.57
CA ILE E 5 6.07 19.49 12.58
C ILE E 5 5.52 18.09 12.29
N ALA E 6 6.00 17.11 13.07
CA ALA E 6 5.54 15.73 12.98
C ALA E 6 4.99 15.28 14.33
N SER E 7 4.15 14.25 14.31
CA SER E 7 3.63 13.58 15.49
C SER E 7 4.14 12.14 15.34
N SER E 8 3.61 11.19 16.10
CA SER E 8 4.04 9.83 15.87
C SER E 8 3.60 9.22 14.54
N LYS E 9 2.52 9.71 13.93
CA LYS E 9 1.94 9.03 12.78
C LYS E 9 1.85 9.84 11.48
N LEU E 10 2.02 11.15 11.58
CA LEU E 10 1.99 11.98 10.37
C LEU E 10 2.99 13.15 10.49
N TRP E 11 3.71 13.37 9.38
CA TRP E 11 4.72 14.39 9.25
C TRP E 11 4.32 15.37 8.14
N MET E 12 4.16 16.65 8.45
CA MET E 12 3.93 17.58 7.35
C MET E 12 5.24 17.93 6.67
N LEU E 13 5.48 17.33 5.52
CA LEU E 13 6.71 17.57 4.78
C LEU E 13 6.93 19.01 4.33
N GLU E 14 5.85 19.71 3.97
CA GLU E 14 5.98 20.98 3.24
C GLU E 14 4.62 21.65 3.11
N PHE E 15 4.58 22.97 3.22
CA PHE E 15 3.31 23.70 3.15
C PHE E 15 3.48 25.00 2.36
N SER E 16 2.63 25.23 1.38
CA SER E 16 2.85 26.36 0.50
C SER E 16 1.54 27.01 0.05
N ALA E 17 1.44 28.32 0.21
CA ALA E 17 0.27 29.07 -0.25
C ALA E 17 0.79 30.03 -1.30
N PHE E 18 0.09 30.14 -2.42
CA PHE E 18 0.72 30.80 -3.53
C PHE E 18 -0.25 31.33 -4.57
N LEU E 19 0.27 32.20 -5.43
CA LEU E 19 -0.50 32.82 -6.50
C LEU E 19 0.35 32.80 -7.77
N GLU E 20 -0.26 32.40 -8.89
CA GLU E 20 0.50 32.29 -10.13
C GLU E 20 -0.34 32.53 -11.37
N ARG E 21 0.27 33.18 -12.35
CA ARG E 21 -0.35 33.41 -13.66
C ARG E 21 0.59 32.87 -14.73
N GLN E 22 0.08 32.70 -15.93
CA GLN E 22 0.95 32.28 -16.98
C GLN E 22 1.68 33.42 -17.64
N GLN E 23 2.92 33.14 -17.97
CA GLN E 23 3.50 33.55 -19.24
C GLN E 23 4.37 32.36 -19.61
N ASP E 24 4.74 32.22 -20.88
CA ASP E 24 5.39 30.97 -21.32
C ASP E 24 6.90 31.00 -21.34
N PRO E 25 7.53 30.98 -20.17
CA PRO E 25 7.03 30.89 -18.79
C PRO E 25 7.63 32.01 -17.93
N ASP E 26 7.15 32.32 -16.70
CA ASP E 26 6.01 31.75 -15.95
C ASP E 26 6.13 32.39 -14.52
N THR E 27 5.04 32.89 -13.90
CA THR E 27 5.19 33.58 -12.59
C THR E 27 4.38 33.01 -11.41
N TYR E 28 5.01 32.97 -10.25
CA TYR E 28 4.55 32.12 -9.14
C TYR E 28 5.01 32.75 -7.81
N ASN E 29 4.09 33.42 -7.11
CA ASN E 29 4.42 34.11 -5.85
C ASN E 29 3.87 33.37 -4.65
N LYS E 30 4.68 33.25 -3.60
CA LYS E 30 4.22 32.56 -2.41
C LYS E 30 3.97 33.45 -1.20
N HIS E 31 2.74 33.50 -0.70
CA HIS E 31 2.47 34.29 0.50
C HIS E 31 3.18 33.68 1.71
N LEU E 32 2.88 32.41 1.97
CA LEU E 32 3.52 31.59 3.00
C LEU E 32 4.18 30.36 2.40
N PHE E 33 5.02 29.73 3.18
CA PHE E 33 5.69 28.57 2.67
C PHE E 33 6.53 27.97 3.76
N VAL E 34 6.02 26.92 4.40
CA VAL E 34 6.86 26.26 5.36
C VAL E 34 7.98 25.72 4.50
N HIS E 35 9.12 25.47 5.16
CA HIS E 35 10.29 24.73 4.67
C HIS E 35 9.88 23.76 3.61
N ILE E 36 10.57 23.72 2.48
CA ILE E 36 10.27 22.60 1.58
C ILE E 36 10.56 21.41 2.45
N SER E 37 10.39 20.20 1.92
CA SER E 37 10.89 19.06 2.62
C SER E 37 12.24 19.67 2.76
N GLN E 38 12.43 20.57 3.72
CA GLN E 38 13.77 21.14 3.92
C GLN E 38 14.23 20.67 5.27
N SER E 39 13.42 19.81 5.87
CA SER E 39 13.86 19.17 7.08
C SER E 39 14.56 17.88 6.66
N SER E 40 15.85 17.82 6.97
CA SER E 40 16.55 16.59 7.10
C SER E 40 16.68 16.91 8.54
N PRO E 41 15.56 16.81 9.21
CA PRO E 41 15.48 16.94 10.63
C PRO E 41 16.46 15.87 10.81
N SER E 42 16.95 15.66 12.01
CA SER E 42 17.95 14.67 12.21
C SER E 42 17.85 14.48 13.71
N TYR E 43 18.36 13.35 14.21
CA TYR E 43 18.12 12.92 15.59
C TYR E 43 18.89 13.78 16.57
N SER E 44 19.70 14.68 16.03
CA SER E 44 20.45 15.59 16.87
C SER E 44 19.72 16.91 17.12
N ASP E 45 18.96 17.39 16.13
CA ASP E 45 18.33 18.72 16.20
C ASP E 45 17.53 18.93 17.49
N PRO E 46 17.34 20.20 17.90
CA PRO E 46 16.65 20.57 19.12
C PRO E 46 15.16 20.26 19.04
N TYR E 47 14.51 20.08 20.18
CA TYR E 47 13.07 20.08 20.17
C TYR E 47 12.67 21.50 19.80
N LEU E 48 11.51 21.64 19.17
CA LEU E 48 10.98 22.95 18.82
C LEU E 48 10.68 23.73 20.10
N GLU E 49 10.58 25.04 19.98
CA GLU E 49 10.29 25.86 21.13
C GLU E 49 8.81 25.69 21.49
N THR E 50 8.49 25.77 22.78
CA THR E 50 7.11 25.54 23.23
C THR E 50 6.30 26.82 23.25
N VAL E 51 4.98 26.68 23.07
CA VAL E 51 4.06 27.77 23.34
C VAL E 51 2.95 27.20 24.20
N ASP E 52 2.49 27.99 25.15
CA ASP E 52 1.50 27.52 26.09
C ASP E 52 0.11 27.57 25.46
N ILE E 53 -0.48 26.41 25.16
CA ILE E 53 -1.73 26.40 24.40
C ILE E 53 -2.80 27.28 25.02
N ARG E 54 -2.87 27.31 26.34
CA ARG E 54 -3.86 28.11 27.07
C ARG E 54 -3.79 29.58 26.66
N GLN E 55 -2.60 30.02 26.30
CA GLN E 55 -2.39 31.43 26.00
C GLN E 55 -2.90 31.76 24.58
N ILE E 56 -3.55 30.81 23.92
CA ILE E 56 -3.92 30.95 22.52
C ILE E 56 -5.35 30.45 22.21
N TYR E 57 -5.97 29.81 23.19
CA TYR E 57 -7.28 29.20 22.97
C TYR E 57 -8.30 30.21 22.45
N ASP E 58 -8.26 31.45 22.91
CA ASP E 58 -9.27 32.41 22.52
C ASP E 58 -9.14 32.82 21.05
N LYS E 59 -7.98 32.62 20.44
CA LYS E 59 -7.86 32.87 19.00
C LYS E 59 -8.44 31.75 18.14
N PHE E 60 -9.03 30.74 18.75
CA PHE E 60 -9.54 29.61 17.97
C PHE E 60 -10.88 29.10 18.48
N PRO E 61 -11.57 28.28 17.67
CA PRO E 61 -12.87 27.79 18.08
C PRO E 61 -12.78 27.11 19.44
N GLU E 62 -13.73 27.45 20.31
CA GLU E 62 -13.52 27.23 21.70
C GLU E 62 -14.37 26.26 22.50
N LYS E 63 -15.53 25.81 22.03
CA LYS E 63 -16.34 25.08 23.01
C LYS E 63 -16.57 23.60 22.76
N LYS E 64 -17.29 23.23 21.71
CA LYS E 64 -17.60 21.81 21.58
C LYS E 64 -16.61 21.10 20.70
N GLY E 65 -16.28 21.66 19.56
CA GLY E 65 -15.35 20.98 18.67
C GLY E 65 -14.10 21.82 18.66
N GLY E 66 -13.73 22.29 19.85
CA GLY E 66 -12.70 23.31 19.95
C GLY E 66 -11.29 22.79 20.11
N LEU E 67 -10.34 23.71 20.09
CA LEU E 67 -8.92 23.38 20.21
C LEU E 67 -8.67 22.71 21.56
N LYS E 68 -9.19 23.32 22.62
CA LYS E 68 -8.94 22.77 23.96
C LYS E 68 -9.53 21.36 24.08
N GLU E 69 -10.65 21.12 23.42
CA GLU E 69 -11.19 19.80 23.47
C GLU E 69 -10.20 18.92 22.75
N LEU E 70 -9.93 19.27 21.50
CA LEU E 70 -9.00 18.49 20.70
C LEU E 70 -7.72 18.18 21.47
N PHE E 71 -7.15 19.22 22.05
CA PHE E 71 -5.82 19.13 22.59
C PHE E 71 -5.79 18.21 23.78
N GLU E 72 -6.76 18.37 24.67
CA GLU E 72 -6.86 17.51 25.86
C GLU E 72 -7.20 16.08 25.51
N ARG E 73 -7.58 15.84 24.27
CA ARG E 73 -7.95 14.50 23.90
C ARG E 73 -6.94 13.75 23.11
N GLY E 74 -6.40 14.35 22.05
CA GLY E 74 -5.61 13.63 21.01
C GLY E 74 -4.22 13.68 21.58
N PRO E 75 -3.28 12.91 21.00
CA PRO E 75 -1.93 12.86 21.55
C PRO E 75 -1.28 14.24 21.52
N SER E 76 -0.59 14.62 22.59
CA SER E 76 -0.10 15.99 22.69
C SER E 76 0.99 16.29 21.66
N ASN E 77 1.73 15.27 21.26
CA ASN E 77 2.79 15.49 20.35
C ASN E 77 2.23 15.77 18.97
N ALA E 78 0.92 15.91 18.86
CA ALA E 78 0.38 16.19 17.54
C ALA E 78 0.14 17.67 17.31
N PHE E 79 0.23 18.44 18.38
CA PHE E 79 -0.24 19.81 18.32
C PHE E 79 0.86 20.86 18.08
N PHE E 80 0.66 21.67 17.04
CA PHE E 80 1.64 22.70 16.64
C PHE E 80 1.06 24.09 16.37
N LEU E 81 1.89 25.11 16.58
CA LEU E 81 1.52 26.46 16.23
C LEU E 81 2.57 27.09 15.35
N VAL E 82 2.13 27.66 14.23
CA VAL E 82 3.03 28.31 13.28
C VAL E 82 2.71 29.79 13.20
N LYS E 83 3.75 30.61 13.34
CA LYS E 83 3.67 32.05 13.14
C LYS E 83 4.24 32.36 11.77
N PHE E 84 3.38 32.85 10.87
CA PHE E 84 3.79 33.21 9.52
C PHE E 84 4.00 34.73 9.41
N TRP E 85 5.08 35.14 8.77
CA TRP E 85 5.24 36.51 8.33
C TRP E 85 5.04 36.52 6.82
N ALA E 86 3.81 36.74 6.40
CA ALA E 86 3.42 36.58 4.99
C ALA E 86 4.04 37.63 4.06
N ASP E 87 4.40 37.19 2.86
CA ASP E 87 4.84 38.10 1.81
C ASP E 87 3.73 38.32 0.76
N LEU E 88 3.01 39.44 0.87
CA LEU E 88 2.02 39.80 -0.14
C LEU E 88 2.48 40.89 -1.09
N ASN E 89 3.80 40.98 -1.25
CA ASN E 89 4.37 41.92 -2.20
C ASN E 89 4.45 41.24 -3.58
N THR E 90 3.28 41.09 -4.20
CA THR E 90 3.20 40.59 -5.56
C THR E 90 1.97 41.14 -6.23
N ASN E 91 2.12 41.73 -7.40
CA ASN E 91 0.93 42.16 -8.09
C ASN E 91 0.78 41.50 -9.45
N ILE E 92 0.75 40.17 -9.40
CA ILE E 92 0.57 39.38 -10.61
C ILE E 92 -0.91 39.03 -10.83
N ASP E 93 -1.76 39.44 -9.88
CA ASP E 93 -3.22 39.38 -10.09
C ASP E 93 -3.82 40.70 -10.58
N ASP E 94 -2.96 41.66 -10.92
CA ASP E 94 -3.42 42.80 -11.70
C ASP E 94 -3.91 42.18 -12.99
N GLU E 95 -5.05 42.66 -13.49
CA GLU E 95 -5.74 42.01 -14.62
C GLU E 95 -6.70 40.91 -14.13
N GLY E 96 -6.65 40.62 -12.83
CA GLY E 96 -7.54 39.64 -12.18
C GLY E 96 -7.69 38.34 -12.95
N SER E 97 -6.57 37.69 -13.24
CA SER E 97 -6.57 36.54 -14.13
C SER E 97 -5.77 35.38 -13.54
N ALA E 98 -5.50 35.47 -12.24
CA ALA E 98 -4.51 34.60 -11.63
C ALA E 98 -5.10 33.31 -11.08
N PHE E 99 -4.26 32.51 -10.44
CA PHE E 99 -4.71 31.35 -9.71
C PHE E 99 -4.11 31.32 -8.30
N TYR E 100 -4.96 31.49 -7.30
CA TYR E 100 -4.54 31.40 -5.93
C TYR E 100 -4.76 29.96 -5.59
N GLY E 101 -3.78 29.36 -4.91
CA GLY E 101 -3.87 27.95 -4.48
C GLY E 101 -2.99 27.66 -3.26
N VAL E 102 -3.28 26.55 -2.59
CA VAL E 102 -2.42 26.11 -1.50
C VAL E 102 -2.15 24.62 -1.63
N SER E 103 -0.90 24.23 -1.41
CA SER E 103 -0.45 22.85 -1.55
C SER E 103 0.29 22.42 -0.30
N SER E 104 0.09 21.19 0.15
CA SER E 104 0.95 20.65 1.19
C SER E 104 1.09 19.17 1.06
N GLN E 105 2.22 18.60 1.48
CA GLN E 105 2.30 17.16 1.49
C GLN E 105 2.77 16.58 2.82
N TYR E 106 2.65 15.26 2.97
CA TYR E 106 2.79 14.58 4.26
C TYR E 106 3.36 13.17 4.11
N GLU E 107 3.96 12.66 5.18
CA GLU E 107 4.48 11.30 5.23
C GLU E 107 3.91 10.52 6.43
N SER E 108 3.83 9.20 6.31
CA SER E 108 3.35 8.36 7.40
C SER E 108 3.93 6.96 7.35
N PRO E 109 4.16 6.33 8.51
CA PRO E 109 4.68 4.96 8.50
C PRO E 109 3.57 4.01 8.13
N GLU E 110 2.35 4.50 8.30
CA GLU E 110 1.16 3.68 8.13
C GLU E 110 0.42 4.10 6.87
N ASN E 111 -0.25 3.14 6.25
CA ASN E 111 -1.14 3.43 5.16
C ASN E 111 -2.55 3.72 5.67
N MET E 112 -2.96 4.99 5.69
CA MET E 112 -4.31 5.31 6.14
C MET E 112 -5.07 6.19 5.16
N ILE E 113 -6.31 6.53 5.54
CA ILE E 113 -7.14 7.46 4.82
C ILE E 113 -7.31 8.63 5.73
N ILE E 114 -6.73 9.76 5.37
CA ILE E 114 -6.80 10.92 6.28
C ILE E 114 -7.83 11.96 5.80
N THR E 115 -8.39 12.66 6.76
CA THR E 115 -9.35 13.71 6.50
C THR E 115 -8.69 14.95 6.98
N CYS E 116 -8.39 15.87 6.07
CA CYS E 116 -7.87 17.17 6.48
C CYS E 116 -8.95 18.25 6.50
N SER E 117 -9.13 18.88 7.65
CA SER E 117 -10.10 19.95 7.79
C SER E 117 -9.41 21.23 8.19
N THR E 118 -9.53 22.28 7.37
CA THR E 118 -8.99 23.56 7.79
C THR E 118 -10.09 24.59 8.01
N LYS E 119 -9.94 25.42 9.03
CA LYS E 119 -10.97 26.38 9.44
C LYS E 119 -10.41 27.79 9.49
N VAL E 120 -11.14 28.72 8.89
CA VAL E 120 -10.76 30.12 8.90
C VAL E 120 -11.50 30.85 10.02
N CYS E 121 -10.78 31.57 10.86
CA CYS E 121 -11.40 32.11 12.06
C CYS E 121 -11.20 33.59 12.17
N SER E 122 -12.22 34.30 12.61
CA SER E 122 -12.08 35.74 12.60
C SER E 122 -12.04 36.40 14.00
N PHE E 123 -12.80 35.93 14.96
CA PHE E 123 -12.43 36.39 16.29
C PHE E 123 -12.41 35.20 17.18
N GLY E 124 -11.79 34.14 16.67
CA GLY E 124 -11.81 32.83 17.29
C GLY E 124 -13.04 32.07 16.83
N LYS E 125 -13.89 32.73 16.06
CA LYS E 125 -15.07 32.09 15.52
C LYS E 125 -14.85 31.58 14.08
N GLN E 126 -15.16 30.31 13.84
CA GLN E 126 -15.02 29.74 12.51
C GLN E 126 -15.94 30.44 11.53
N VAL E 127 -15.39 30.96 10.45
CA VAL E 127 -16.22 31.58 9.42
C VAL E 127 -16.39 30.66 8.23
N VAL E 128 -15.38 29.85 7.93
CA VAL E 128 -15.55 28.83 6.91
C VAL E 128 -14.54 27.68 7.06
N GLU E 129 -14.93 26.49 6.61
CA GLU E 129 -14.07 25.33 6.75
C GLU E 129 -14.01 24.51 5.47
N LYS E 130 -12.84 23.96 5.17
CA LYS E 130 -12.71 23.11 3.99
C LYS E 130 -12.30 21.70 4.39
N VAL E 131 -13.05 20.71 3.93
CA VAL E 131 -12.74 19.35 4.28
C VAL E 131 -12.31 18.55 3.04
N GLU E 132 -11.12 18.01 3.03
CA GLU E 132 -10.82 17.06 1.98
C GLU E 132 -10.26 15.80 2.57
N THR E 133 -10.34 14.72 1.80
CA THR E 133 -9.76 13.49 2.27
C THR E 133 -8.66 13.01 1.31
N GLU E 134 -7.51 12.66 1.85
CA GLU E 134 -6.42 12.19 1.03
C GLU E 134 -6.11 10.72 1.28
N TYR E 135 -5.63 10.05 0.25
CA TYR E 135 -5.19 8.68 0.38
C TYR E 135 -3.70 8.55 0.04
N ALA E 136 -3.15 7.36 0.19
CA ALA E 136 -1.70 7.25 0.31
C ALA E 136 -1.03 6.66 -0.90
N ARG E 137 0.18 7.11 -1.19
CA ARG E 137 1.02 6.41 -2.14
C ARG E 137 2.24 5.93 -1.40
N TYR E 138 2.63 4.70 -1.70
CA TYR E 138 3.71 4.09 -1.01
C TYR E 138 5.01 4.65 -1.51
N GLU E 139 5.92 4.96 -0.60
CA GLU E 139 7.28 5.22 -1.01
C GLU E 139 8.05 4.05 -0.38
N ASN E 140 9.37 3.97 -0.54
CA ASN E 140 10.13 2.87 -0.05
C ASN E 140 9.85 2.93 1.43
N GLY E 141 9.05 2.00 1.93
CA GLY E 141 8.79 1.90 3.36
C GLY E 141 7.89 2.91 4.05
N HIS E 142 7.39 3.92 3.36
CA HIS E 142 6.46 4.82 4.05
C HIS E 142 5.38 5.27 3.10
N TYR E 143 4.42 6.04 3.59
CA TYR E 143 3.31 6.41 2.76
C TYR E 143 3.24 7.92 2.64
N LEU E 144 2.97 8.38 1.42
CA LEU E 144 2.91 9.81 1.11
C LEU E 144 1.51 10.33 0.82
N TYR E 145 1.11 11.38 1.51
CA TYR E 145 -0.13 12.06 1.19
C TYR E 145 0.19 13.49 0.77
N ARG E 146 -0.73 14.12 0.06
CA ARG E 146 -0.54 15.47 -0.46
C ARG E 146 -1.85 16.13 -0.73
N ILE E 147 -1.88 17.44 -0.55
CA ILE E 147 -2.97 18.21 -1.08
C ILE E 147 -2.42 19.06 -2.22
N HIS E 148 -2.85 18.85 -3.45
CA HIS E 148 -2.15 19.49 -4.58
C HIS E 148 -2.87 20.65 -5.28
N ARG E 149 -2.41 21.87 -5.06
CA ARG E 149 -2.99 22.96 -5.82
C ARG E 149 -4.48 23.04 -5.55
N SER E 150 -4.85 22.95 -4.29
CA SER E 150 -6.21 23.21 -3.84
C SER E 150 -6.54 24.67 -4.10
N PRO E 151 -7.59 24.91 -4.89
CA PRO E 151 -7.97 26.29 -5.17
C PRO E 151 -8.41 27.01 -3.92
N LEU E 152 -7.79 28.16 -3.66
CA LEU E 152 -8.12 28.98 -2.52
C LEU E 152 -9.58 29.45 -2.58
N CYS E 153 -10.30 29.34 -1.46
CA CYS E 153 -11.71 29.76 -1.43
C CYS E 153 -11.90 31.26 -1.69
N GLU E 154 -13.05 31.61 -2.26
CA GLU E 154 -13.36 33.00 -2.58
C GLU E 154 -13.14 33.94 -1.39
N TYR E 155 -13.69 33.54 -0.25
CA TYR E 155 -13.56 34.33 0.95
C TYR E 155 -12.12 34.77 1.11
N MET E 156 -11.21 33.78 1.10
CA MET E 156 -9.78 34.00 1.32
C MET E 156 -9.15 34.92 0.30
N ILE E 157 -9.57 34.80 -0.96
CA ILE E 157 -8.99 35.69 -1.96
C ILE E 157 -9.32 37.12 -1.60
N ASN E 158 -10.60 37.41 -1.38
CA ASN E 158 -11.00 38.78 -1.03
C ASN E 158 -10.22 39.31 0.15
N PHE E 159 -10.01 38.47 1.15
CA PHE E 159 -9.28 38.88 2.33
C PHE E 159 -7.93 39.45 1.94
N ILE E 160 -7.26 38.76 1.02
CA ILE E 160 -5.94 39.17 0.59
C ILE E 160 -5.96 40.49 -0.20
N HIS E 161 -7.00 40.68 -1.01
CA HIS E 161 -7.15 41.92 -1.75
C HIS E 161 -7.38 43.09 -0.81
N LYS E 162 -8.31 42.91 0.13
CA LYS E 162 -8.60 43.92 1.12
C LYS E 162 -7.35 44.27 1.94
N LEU E 163 -6.56 43.26 2.28
CA LEU E 163 -5.33 43.50 3.06
C LEU E 163 -4.36 44.40 2.31
N LYS E 164 -4.05 44.00 1.07
CA LYS E 164 -3.11 44.76 0.22
C LYS E 164 -3.56 46.20 0.02
N HIS E 165 -4.87 46.41 -0.01
CA HIS E 165 -5.41 47.77 -0.23
C HIS E 165 -5.18 48.75 0.91
N LEU E 166 -4.83 48.25 2.09
CA LEU E 166 -4.47 49.13 3.19
C LEU E 166 -3.18 49.88 2.84
N PRO E 167 -3.11 51.18 3.16
CA PRO E 167 -1.92 51.95 2.87
C PRO E 167 -0.76 51.63 3.81
N GLU E 168 -1.06 51.09 4.99
CA GLU E 168 -0.01 50.87 5.99
C GLU E 168 0.14 49.41 6.40
N LYS E 169 1.38 48.99 6.67
CA LYS E 169 1.63 47.61 7.08
C LYS E 169 1.20 47.37 8.52
N TYR E 170 1.52 48.29 9.42
CA TYR E 170 1.07 48.14 10.80
C TYR E 170 -0.45 48.01 10.79
N MET E 171 -1.08 48.51 9.72
CA MET E 171 -2.53 48.45 9.59
C MET E 171 -2.94 47.05 9.13
N MET E 172 -2.15 46.48 8.22
CA MET E 172 -2.31 45.10 7.85
C MET E 172 -2.18 44.17 9.07
N ASN E 173 -1.20 44.43 9.93
CA ASN E 173 -0.95 43.57 11.09
C ASN E 173 -2.07 43.66 12.10
N SER E 174 -2.71 44.81 12.11
CA SER E 174 -3.70 45.13 13.10
C SER E 174 -4.95 44.32 12.80
N VAL E 175 -5.29 44.19 11.53
CA VAL E 175 -6.39 43.35 11.16
C VAL E 175 -6.04 41.91 11.50
N LEU E 176 -4.84 41.49 11.06
CA LEU E 176 -4.36 40.11 11.18
C LEU E 176 -4.29 39.60 12.61
N GLU E 177 -4.16 40.52 13.57
CA GLU E 177 -4.23 40.13 14.99
C GLU E 177 -5.39 39.17 15.28
N ASN E 178 -6.47 39.28 14.53
CA ASN E 178 -7.63 38.47 14.83
C ASN E 178 -8.05 37.48 13.74
N PHE E 179 -7.24 37.35 12.69
CA PHE E 179 -7.45 36.32 11.66
C PHE E 179 -6.59 35.09 11.98
N THR E 180 -7.19 33.91 12.05
CA THR E 180 -6.40 32.67 12.28
C THR E 180 -6.89 31.48 11.46
N ILE E 181 -6.07 30.44 11.40
CA ILE E 181 -6.43 29.24 10.68
C ILE E 181 -6.03 28.03 11.52
N LEU E 182 -6.96 27.09 11.61
CA LEU E 182 -6.74 25.88 12.38
C LEU E 182 -6.86 24.74 11.39
N GLN E 183 -5.82 23.94 11.30
CA GLN E 183 -5.83 22.78 10.43
C GLN E 183 -5.73 21.52 11.29
N VAL E 184 -6.66 20.58 11.08
CA VAL E 184 -6.68 19.35 11.84
C VAL E 184 -6.76 18.17 10.90
N VAL E 185 -5.69 17.39 10.80
CA VAL E 185 -5.71 16.15 10.01
C VAL E 185 -5.95 14.99 10.96
N THR E 186 -6.89 14.10 10.63
CA THR E 186 -7.22 12.97 11.49
C THR E 186 -7.35 11.72 10.64
N ASN E 187 -7.03 10.58 11.25
CA ASN E 187 -7.28 9.28 10.61
C ASN E 187 -8.79 9.06 10.47
N ARG E 188 -9.26 8.88 9.24
CA ARG E 188 -10.69 8.80 9.04
C ARG E 188 -11.33 7.57 9.65
N ASP E 189 -10.73 6.39 9.50
CA ASP E 189 -11.34 5.18 10.01
C ASP E 189 -11.33 5.17 11.54
N THR E 190 -10.16 5.26 12.17
CA THR E 190 -10.14 5.53 13.61
C THR E 190 -10.44 7.03 13.67
N GLN E 191 -10.48 7.65 14.82
CA GLN E 191 -10.71 9.09 14.76
C GLN E 191 -9.55 9.88 15.34
N GLU E 192 -8.34 9.43 15.06
CA GLU E 192 -7.19 9.95 15.77
C GLU E 192 -6.75 11.25 15.15
N THR E 193 -6.52 12.26 15.99
CA THR E 193 -5.86 13.45 15.52
C THR E 193 -4.40 13.17 15.14
N LEU E 194 -4.13 13.15 13.84
CA LEU E 194 -2.79 12.98 13.28
C LEU E 194 -1.88 14.21 13.43
N LEU E 195 -2.44 15.37 13.14
CA LEU E 195 -1.69 16.61 13.22
C LEU E 195 -2.67 17.70 13.51
N CYS E 196 -2.20 18.79 14.08
CA CYS E 196 -3.08 19.89 14.33
C CYS E 196 -2.25 21.14 14.39
N ILE E 197 -2.24 21.91 13.30
CA ILE E 197 -1.49 23.14 13.26
C ILE E 197 -2.38 24.35 13.43
N ALA E 198 -1.99 25.22 14.35
CA ALA E 198 -2.67 26.49 14.50
C ALA E 198 -1.79 27.46 13.75
N TYR E 199 -2.43 28.33 12.97
CA TYR E 199 -1.69 29.31 12.18
C TYR E 199 -2.04 30.71 12.59
N VAL E 200 -1.02 31.53 12.78
CA VAL E 200 -1.18 32.92 13.14
C VAL E 200 -0.37 33.77 12.17
N PHE E 201 -0.82 34.99 11.91
CA PHE E 201 -0.22 35.80 10.85
C PHE E 201 0.18 37.24 11.18
N GLU E 202 1.36 37.63 10.70
CA GLU E 202 1.72 39.04 10.44
C GLU E 202 2.16 39.14 8.98
N VAL E 203 2.39 40.35 8.52
CA VAL E 203 3.12 40.55 7.26
C VAL E 203 4.59 40.76 7.61
N SER E 204 5.50 40.62 6.67
CA SER E 204 6.86 41.00 7.04
C SER E 204 7.23 42.33 6.42
N ALA E 205 8.37 42.86 6.82
CA ALA E 205 8.89 44.09 6.21
C ALA E 205 9.46 43.80 4.79
N SER E 206 10.71 43.37 4.71
CA SER E 206 11.39 43.23 3.41
C SER E 206 10.55 43.73 2.26
N ALA E 210 8.98 36.57 3.00
CA ALA E 210 8.16 35.67 3.82
C ALA E 210 8.96 34.82 4.80
N GLN E 211 8.51 34.72 6.05
CA GLN E 211 9.21 33.87 7.02
C GLN E 211 8.25 33.19 7.99
N HIS E 212 8.79 32.33 8.84
CA HIS E 212 7.97 31.62 9.80
C HIS E 212 8.78 31.10 10.96
N HIS E 213 8.12 30.93 12.09
CA HIS E 213 8.73 30.25 13.22
C HIS E 213 7.74 29.17 13.65
N ILE E 214 8.24 27.97 13.88
CA ILE E 214 7.39 26.82 14.21
C ILE E 214 7.44 26.49 15.71
N TYR E 215 6.28 26.28 16.32
CA TYR E 215 6.24 25.97 17.73
C TYR E 215 5.42 24.72 18.01
N ARG E 216 5.79 23.99 19.07
CA ARG E 216 4.96 22.93 19.61
C ARG E 216 4.09 23.46 20.75
N LEU E 217 2.85 22.99 20.81
CA LEU E 217 1.92 23.46 21.81
C LEU E 217 1.95 22.58 23.06
N VAL E 218 1.82 23.19 24.23
CA VAL E 218 1.99 22.44 25.48
C VAL E 218 1.12 22.93 26.64
N LYS E 219 1.28 22.29 27.80
CA LYS E 219 0.71 22.73 29.10
C LYS E 219 -0.69 22.28 29.34
N THR F 2 -23.15 36.31 6.97
CA THR F 2 -21.66 36.30 7.14
C THR F 2 -20.99 37.38 6.27
N ASP F 3 -20.21 38.25 6.92
CA ASP F 3 -19.48 39.32 6.23
C ASP F 3 -18.11 39.59 6.84
N LEU F 4 -17.08 39.47 6.01
CA LEU F 4 -15.69 39.63 6.45
C LEU F 4 -15.33 41.06 6.86
N GLU F 5 -16.11 42.02 6.36
CA GLU F 5 -15.89 43.43 6.69
C GLU F 5 -15.53 43.60 8.14
N ALA F 6 -16.04 42.70 8.97
CA ALA F 6 -15.92 42.76 10.43
C ALA F 6 -14.47 42.91 10.91
N LEU F 7 -13.53 42.43 10.12
CA LEU F 7 -12.14 42.52 10.52
C LEU F 7 -11.47 43.84 10.13
N PHE F 8 -12.00 44.49 9.10
CA PHE F 8 -11.33 45.65 8.54
C PHE F 8 -11.70 46.99 9.17
N ASN F 9 -13.00 47.31 9.20
CA ASN F 9 -13.45 48.56 9.81
C ASN F 9 -12.93 48.64 11.25
N ALA F 10 -12.74 47.48 11.86
CA ALA F 10 -12.14 47.41 13.18
C ALA F 10 -11.00 48.41 13.28
N VAL F 11 -10.23 48.54 12.21
CA VAL F 11 -9.07 49.43 12.17
C VAL F 11 -8.97 50.15 10.81
N MET F 12 -10.14 50.52 10.30
CA MET F 12 -10.27 51.63 9.39
C MET F 12 -11.07 52.75 10.04
N ASN F 13 -11.49 52.52 11.28
CA ASN F 13 -12.38 53.43 11.99
C ASN F 13 -11.75 53.98 13.26
N PRO F 14 -12.20 55.17 13.67
CA PRO F 14 -11.76 55.79 14.92
C PRO F 14 -12.34 55.05 16.14
N LYS F 15 -13.58 55.32 16.49
CA LYS F 15 -14.26 54.61 17.55
C LYS F 15 -15.62 54.27 17.10
N THR F 16 -15.75 53.47 16.06
CA THR F 16 -17.05 53.09 15.55
C THR F 16 -16.81 51.72 15.03
N ALA F 17 -16.93 50.79 15.95
CA ALA F 17 -16.76 49.39 15.69
C ALA F 17 -17.11 48.75 17.02
N ASN F 18 -17.96 47.74 17.01
CA ASN F 18 -18.18 46.97 18.20
C ASN F 18 -17.74 45.68 17.59
N VAL F 19 -16.62 45.18 18.06
CA VAL F 19 -16.13 43.88 17.64
C VAL F 19 -15.73 43.34 18.97
N PRO F 20 -15.45 42.03 19.07
CA PRO F 20 -15.01 41.58 20.36
C PRO F 20 -13.72 42.28 20.71
N GLN F 21 -13.48 42.45 22.00
CA GLN F 21 -12.26 43.06 22.49
C GLN F 21 -11.36 41.96 22.99
N THR F 22 -10.06 42.11 22.74
CA THR F 22 -9.12 41.03 23.02
C THR F 22 -7.79 41.60 23.49
N VAL F 23 -6.93 40.77 24.08
CA VAL F 23 -5.62 41.27 24.50
C VAL F 23 -4.60 41.02 23.43
N PRO F 24 -3.89 42.09 23.01
CA PRO F 24 -3.00 42.04 21.87
C PRO F 24 -1.86 41.09 22.10
N MET F 25 -1.47 40.42 21.03
CA MET F 25 -0.61 39.27 21.14
C MET F 25 0.73 39.53 21.86
N ARG F 26 1.36 40.66 21.59
CA ARG F 26 2.59 41.10 22.25
C ARG F 26 2.06 42.02 23.24
N LEU F 27 1.39 41.55 24.28
CA LEU F 27 2.04 40.87 25.34
C LEU F 27 1.17 39.85 26.04
N ARG F 28 0.95 38.74 25.37
CA ARG F 28 0.58 37.56 26.10
C ARG F 28 1.87 36.90 26.61
N LYS F 29 1.73 35.84 27.37
CA LYS F 29 2.90 35.04 27.71
C LYS F 29 3.32 34.27 26.48
N LEU F 30 4.02 34.89 25.57
CA LEU F 30 4.56 34.16 24.44
C LEU F 30 6.07 34.37 24.38
N PRO F 31 6.76 33.66 23.49
CA PRO F 31 8.20 33.64 23.52
C PRO F 31 8.75 34.75 22.64
N ASP F 32 9.90 35.31 23.03
CA ASP F 32 10.44 36.48 22.36
C ASP F 32 10.53 36.29 20.87
N SER F 33 10.67 35.03 20.45
CA SER F 33 10.90 34.73 19.04
C SER F 33 9.63 34.86 18.23
N PHE F 34 8.53 35.13 18.91
CA PHE F 34 7.23 35.13 18.28
C PHE F 34 7.02 36.42 17.48
N PHE F 35 7.82 37.44 17.85
CA PHE F 35 7.76 38.75 17.22
C PHE F 35 9.13 39.10 16.62
N LYS F 36 10.04 38.12 16.63
CA LYS F 36 11.36 38.24 16.03
C LYS F 36 11.57 37.20 14.93
N PRO F 37 11.37 37.60 13.67
CA PRO F 37 11.43 36.67 12.54
C PRO F 37 12.86 36.30 12.24
N SER G 1 19.86 -8.25 15.22
CA SER G 1 20.31 -9.23 14.19
C SER G 1 21.51 -10.03 14.67
N MET G 2 22.37 -9.36 15.42
CA MET G 2 23.45 -10.02 16.15
C MET G 2 22.86 -11.00 17.17
N ARG G 3 21.57 -10.81 17.44
CA ARG G 3 20.86 -11.49 18.50
C ARG G 3 19.92 -12.53 17.93
N SER G 4 19.60 -12.41 16.65
CA SER G 4 18.62 -13.30 16.08
C SER G 4 18.94 -13.74 14.67
N ILE G 5 18.11 -14.65 14.20
CA ILE G 5 18.32 -15.38 12.98
C ILE G 5 17.85 -14.52 11.80
N ALA G 6 18.33 -13.27 11.75
CA ALA G 6 17.88 -12.26 10.78
C ALA G 6 19.03 -11.60 10.01
N SER G 7 18.69 -10.94 8.91
CA SER G 7 19.62 -10.10 8.15
C SER G 7 19.10 -8.66 8.14
N SER G 8 19.76 -7.78 7.41
CA SER G 8 19.36 -6.38 7.41
C SER G 8 18.00 -6.17 6.75
N LYS G 9 17.57 -7.14 5.95
CA LYS G 9 16.35 -6.98 5.17
C LYS G 9 15.29 -8.09 5.35
N LEU G 10 15.71 -9.25 5.83
CA LEU G 10 14.75 -10.34 5.99
C LEU G 10 14.99 -11.00 7.34
N TRP G 11 13.91 -11.46 7.96
CA TRP G 11 13.95 -11.96 9.34
C TRP G 11 13.03 -13.14 9.52
N MET G 12 13.52 -14.26 10.03
CA MET G 12 12.66 -15.44 10.23
C MET G 12 11.78 -15.24 11.42
N LEU G 13 10.46 -15.34 11.24
CA LEU G 13 9.55 -15.23 12.38
C LEU G 13 9.23 -16.61 12.95
N GLU G 14 9.12 -17.60 12.06
CA GLU G 14 8.65 -18.90 12.45
C GLU G 14 9.18 -19.94 11.51
N PHE G 15 9.21 -21.17 11.99
CA PHE G 15 9.56 -22.33 11.19
C PHE G 15 9.12 -23.59 11.91
N SER G 16 8.54 -24.53 11.19
CA SER G 16 8.11 -25.79 11.79
C SER G 16 7.79 -26.84 10.76
N ALA G 17 8.13 -28.08 11.07
CA ALA G 17 7.72 -29.23 10.28
C ALA G 17 6.82 -30.10 11.14
N PHE G 18 5.78 -30.66 10.54
CA PHE G 18 4.76 -31.41 11.28
C PHE G 18 4.11 -32.53 10.48
N LEU G 19 3.43 -33.43 11.18
CA LEU G 19 2.64 -34.51 10.58
C LEU G 19 1.15 -34.30 10.91
N GLU G 20 0.29 -34.53 9.91
CA GLU G 20 -1.17 -34.33 10.04
C GLU G 20 -1.91 -35.66 10.12
N ARG G 21 -2.72 -35.85 11.15
CA ARG G 21 -3.49 -37.10 11.30
C ARG G 21 -4.94 -36.80 11.65
N GLN G 22 -5.87 -37.57 11.08
CA GLN G 22 -7.30 -37.32 11.26
C GLN G 22 -8.16 -38.58 11.34
N GLN G 23 -9.07 -38.58 12.29
CA GLN G 23 -10.37 -39.15 12.05
C GLN G 23 -10.70 -37.76 11.56
N ASP G 24 -11.95 -37.28 11.62
CA ASP G 24 -12.23 -35.86 11.28
C ASP G 24 -11.68 -34.71 12.21
N PRO G 25 -11.57 -34.93 13.55
CA PRO G 25 -10.76 -33.98 14.34
C PRO G 25 -9.28 -34.06 14.02
N ASP G 26 -8.78 -33.10 13.26
CA ASP G 26 -7.36 -33.08 12.91
C ASP G 26 -6.50 -33.02 14.18
N THR G 27 -5.37 -33.75 14.17
CA THR G 27 -4.51 -33.91 15.36
C THR G 27 -3.05 -34.11 14.89
N TYR G 28 -2.11 -33.29 15.39
CA TYR G 28 -0.71 -33.36 14.87
C TYR G 28 0.53 -33.19 15.77
N ASN G 29 1.59 -33.93 15.41
CA ASN G 29 2.90 -33.88 16.07
C ASN G 29 3.80 -33.02 15.21
N LYS G 30 4.68 -32.24 15.84
CA LYS G 30 5.67 -31.51 15.08
C LYS G 30 7.08 -31.99 15.31
N HIS G 31 7.77 -32.32 14.23
CA HIS G 31 9.12 -32.83 14.29
C HIS G 31 10.10 -31.82 14.90
N LEU G 32 10.02 -30.56 14.47
CA LEU G 32 10.81 -29.50 15.09
C LEU G 32 10.14 -28.13 14.95
N PHE G 33 10.72 -27.14 15.62
CA PHE G 33 10.01 -25.89 15.90
C PHE G 33 10.98 -24.79 16.30
N VAL G 34 10.91 -23.65 15.62
CA VAL G 34 11.65 -22.46 16.02
C VAL G 34 10.83 -21.24 15.73
N HIS G 35 10.87 -20.26 16.63
CA HIS G 35 10.20 -18.99 16.38
C HIS G 35 10.77 -17.81 17.17
N ILE G 36 11.26 -16.80 16.47
CA ILE G 36 11.87 -15.63 17.11
C ILE G 36 10.86 -14.49 17.32
N SER G 37 11.26 -13.50 18.13
CA SER G 37 10.58 -12.22 18.21
C SER G 37 11.52 -11.35 19.03
N GLN G 38 11.89 -10.18 18.52
CA GLN G 38 12.78 -9.31 19.29
C GLN G 38 12.01 -8.54 20.37
N SER G 44 17.48 -6.29 22.40
CA SER G 44 18.80 -5.69 22.60
C SER G 44 19.52 -6.44 23.71
N ASP G 45 19.51 -7.77 23.63
CA ASP G 45 20.03 -8.54 24.75
C ASP G 45 21.09 -9.57 24.76
N PRO G 46 21.02 -10.55 23.88
CA PRO G 46 21.92 -11.69 24.06
C PRO G 46 22.38 -12.07 22.71
N TYR G 47 23.69 -12.22 22.52
CA TYR G 47 24.20 -12.45 21.20
C TYR G 47 24.10 -13.92 21.08
N LEU G 48 23.68 -14.41 19.93
CA LEU G 48 23.64 -15.83 19.77
C LEU G 48 25.03 -16.30 19.36
N GLU G 49 25.49 -17.39 19.99
CA GLU G 49 26.83 -17.94 19.80
C GLU G 49 27.27 -18.02 18.34
N THR G 50 28.56 -17.74 18.11
CA THR G 50 29.12 -17.81 16.74
C THR G 50 29.77 -19.17 16.43
N VAL G 51 29.67 -19.59 15.18
CA VAL G 51 30.38 -20.77 14.72
C VAL G 51 31.16 -20.48 13.44
N ASP G 52 32.41 -20.90 13.42
CA ASP G 52 33.29 -20.71 12.27
C ASP G 52 32.71 -21.52 11.10
N ILE G 53 32.44 -20.84 9.98
CA ILE G 53 31.86 -21.49 8.78
C ILE G 53 32.71 -22.63 8.24
N ARG G 54 34.01 -22.57 8.51
CA ARG G 54 34.95 -23.52 7.92
C ARG G 54 34.82 -24.90 8.55
N GLN G 55 34.16 -24.96 9.70
CA GLN G 55 34.01 -26.22 10.45
C GLN G 55 32.92 -27.11 9.85
N ILE G 56 32.16 -26.57 8.92
CA ILE G 56 31.01 -27.30 8.38
C ILE G 56 30.99 -27.37 6.86
N TYR G 57 32.05 -26.91 6.22
CA TYR G 57 32.08 -26.87 4.76
C TYR G 57 31.81 -28.20 4.08
N ASP G 58 32.38 -29.29 4.61
CA ASP G 58 32.24 -30.60 3.96
C ASP G 58 30.84 -31.19 4.07
N LYS G 59 29.95 -30.44 4.73
CA LYS G 59 28.56 -30.83 4.90
C LYS G 59 27.62 -30.05 3.96
N PHE G 60 28.21 -29.18 3.14
CA PHE G 60 27.46 -28.35 2.18
C PHE G 60 28.31 -27.99 0.96
N PRO G 61 27.76 -28.21 -0.23
CA PRO G 61 26.59 -29.04 -0.39
C PRO G 61 27.20 -30.42 -0.63
N GLU G 62 26.95 -31.38 0.26
CA GLU G 62 27.43 -32.74 0.04
C GLU G 62 26.26 -33.66 -0.29
N GLY G 65 29.33 -21.77 -6.71
CA GLY G 65 27.94 -22.11 -6.44
C GLY G 65 27.76 -22.69 -5.04
N GLY G 66 28.88 -23.01 -4.39
CA GLY G 66 28.87 -23.58 -3.04
C GLY G 66 28.47 -22.63 -1.92
N LEU G 67 28.78 -23.01 -0.69
CA LEU G 67 28.43 -22.21 0.50
C LEU G 67 29.45 -21.12 0.79
N LYS G 68 30.75 -21.47 0.73
CA LYS G 68 31.82 -20.47 0.88
C LYS G 68 31.65 -19.40 -0.17
N GLU G 69 31.32 -19.84 -1.39
CA GLU G 69 31.01 -18.94 -2.47
C GLU G 69 29.98 -17.90 -2.02
N LEU G 70 28.89 -18.38 -1.42
CA LEU G 70 27.84 -17.48 -0.94
C LEU G 70 28.29 -16.58 0.21
N PHE G 71 29.18 -17.09 1.06
CA PHE G 71 29.59 -16.36 2.25
C PHE G 71 30.48 -15.15 1.95
N GLU G 72 31.29 -15.24 0.91
CA GLU G 72 32.12 -14.11 0.52
C GLU G 72 31.33 -13.17 -0.38
N ARG G 73 30.32 -13.71 -1.06
CA ARG G 73 29.57 -12.91 -2.03
C ARG G 73 28.52 -11.99 -1.44
N GLY G 74 27.61 -12.55 -0.63
CA GLY G 74 26.45 -11.81 -0.13
C GLY G 74 26.81 -11.33 1.24
N PRO G 75 25.90 -10.59 1.90
CA PRO G 75 26.22 -10.05 3.21
C PRO G 75 26.66 -11.12 4.21
N SER G 76 27.64 -10.78 5.03
CA SER G 76 28.12 -11.68 6.07
C SER G 76 27.14 -11.79 7.25
N ASN G 77 26.43 -10.70 7.56
CA ASN G 77 25.48 -10.68 8.68
C ASN G 77 24.24 -11.54 8.45
N ALA G 78 24.20 -12.23 7.31
CA ALA G 78 23.01 -12.92 6.87
C ALA G 78 23.16 -14.44 6.81
N PHE G 79 24.04 -15.00 7.65
CA PHE G 79 24.33 -16.42 7.55
C PHE G 79 24.24 -17.09 8.91
N PHE G 80 23.40 -18.12 8.97
CA PHE G 80 23.11 -18.78 10.25
C PHE G 80 23.14 -20.30 10.18
N LEU G 81 23.68 -20.92 11.24
CA LEU G 81 23.60 -22.36 11.38
C LEU G 81 22.60 -22.68 12.47
N VAL G 82 21.76 -23.68 12.19
CA VAL G 82 20.75 -24.13 13.14
C VAL G 82 20.99 -25.60 13.52
N LYS G 83 21.05 -25.87 14.83
CA LYS G 83 21.14 -27.25 15.31
C LYS G 83 19.79 -27.72 15.80
N PHE G 84 19.26 -28.76 15.16
CA PHE G 84 17.96 -29.31 15.53
C PHE G 84 18.06 -30.65 16.26
N TRP G 85 17.43 -30.71 17.42
CA TRP G 85 17.13 -31.98 18.06
C TRP G 85 15.65 -32.26 17.79
N ALA G 86 15.37 -33.00 16.72
CA ALA G 86 14.00 -33.31 16.35
C ALA G 86 13.48 -34.44 17.22
N ASP G 87 12.17 -34.58 17.31
CA ASP G 87 11.61 -35.77 17.93
C ASP G 87 10.78 -36.53 16.91
N LEU G 88 11.21 -37.75 16.61
CA LEU G 88 10.53 -38.57 15.62
C LEU G 88 9.54 -39.48 16.32
N ASN G 89 8.88 -38.97 17.35
CA ASN G 89 8.03 -39.81 18.19
C ASN G 89 6.53 -39.79 17.87
N THR G 90 6.11 -40.54 16.84
CA THR G 90 4.68 -40.60 16.46
C THR G 90 4.27 -41.97 15.92
N ASN G 91 3.07 -42.40 16.27
CA ASN G 91 2.48 -43.61 15.67
C ASN G 91 1.27 -43.28 14.80
N TYR G 100 2.23 -34.69 6.61
CA TYR G 100 3.58 -34.19 6.49
C TYR G 100 3.58 -32.85 5.80
N GLY G 101 4.06 -31.82 6.49
CA GLY G 101 4.13 -30.47 5.93
C GLY G 101 5.11 -29.59 6.66
N VAL G 102 5.71 -28.63 5.95
CA VAL G 102 6.56 -27.62 6.59
C VAL G 102 5.97 -26.22 6.33
N SER G 103 6.23 -25.29 7.24
CA SER G 103 5.71 -23.94 7.13
C SER G 103 6.60 -22.95 7.88
N SER G 104 6.76 -21.76 7.30
CA SER G 104 7.66 -20.73 7.83
C SER G 104 7.07 -19.33 7.66
N GLN G 105 7.63 -18.36 8.37
CA GLN G 105 7.20 -16.97 8.26
C GLN G 105 8.41 -16.05 8.29
N TYR G 106 8.43 -15.07 7.40
CA TYR G 106 9.54 -14.13 7.33
C TYR G 106 9.05 -12.70 7.36
N GLU G 107 9.91 -11.78 7.81
CA GLU G 107 9.55 -10.38 7.85
C GLU G 107 10.61 -9.51 7.20
N SER G 108 10.17 -8.38 6.66
CA SER G 108 11.02 -7.46 5.93
C SER G 108 10.39 -6.09 5.96
N PRO G 109 11.21 -5.04 5.96
CA PRO G 109 10.65 -3.70 5.94
C PRO G 109 10.35 -3.25 4.53
N GLU G 110 10.84 -3.97 3.53
CA GLU G 110 10.56 -3.57 2.16
C GLU G 110 9.69 -4.61 1.48
N ASN G 111 8.85 -4.15 0.55
CA ASN G 111 7.95 -5.01 -0.18
C ASN G 111 8.70 -5.64 -1.35
N MET G 112 9.20 -6.85 -1.15
CA MET G 112 10.00 -7.48 -2.18
C MET G 112 9.31 -8.67 -2.79
N ILE G 113 9.96 -9.21 -3.82
CA ILE G 113 9.60 -10.49 -4.40
C ILE G 113 10.80 -11.39 -4.16
N ILE G 114 10.60 -12.36 -3.28
CA ILE G 114 11.67 -13.16 -2.72
C ILE G 114 11.71 -14.53 -3.40
N THR G 115 12.89 -15.12 -3.46
CA THR G 115 13.05 -16.50 -3.92
C THR G 115 13.65 -17.34 -2.80
N CYS G 116 13.00 -18.44 -2.45
CA CYS G 116 13.52 -19.29 -1.40
C CYS G 116 13.97 -20.61 -1.98
N SER G 117 15.26 -20.88 -1.91
CA SER G 117 15.80 -22.15 -2.43
C SER G 117 16.24 -23.05 -1.28
N THR G 118 15.84 -24.32 -1.34
CA THR G 118 16.08 -25.23 -0.23
C THR G 118 16.62 -26.58 -0.68
N LYS G 119 17.88 -26.86 -0.34
CA LYS G 119 18.53 -28.11 -0.74
C LYS G 119 18.68 -29.06 0.44
N VAL G 120 18.33 -30.33 0.20
CA VAL G 120 18.61 -31.38 1.16
C VAL G 120 20.11 -31.72 1.06
N CYS G 121 20.88 -31.06 1.92
CA CYS G 121 22.35 -31.00 1.87
C CYS G 121 22.88 -30.98 0.45
N VAL G 131 12.53 -25.14 -4.55
CA VAL G 131 12.55 -23.77 -5.05
C VAL G 131 11.15 -23.14 -5.05
N GLU G 132 11.07 -21.90 -4.57
CA GLU G 132 9.80 -21.31 -4.19
C GLU G 132 9.84 -19.80 -4.39
N THR G 133 8.80 -19.26 -5.03
CA THR G 133 8.67 -17.82 -5.12
C THR G 133 7.62 -17.33 -4.15
N GLU G 134 8.00 -16.36 -3.33
CA GLU G 134 7.09 -15.83 -2.34
C GLU G 134 6.92 -14.33 -2.52
N TYR G 135 5.68 -13.85 -2.36
CA TYR G 135 5.39 -12.42 -2.43
C TYR G 135 5.02 -11.84 -1.07
N ALA G 136 5.09 -10.53 -0.95
CA ALA G 136 4.92 -9.90 0.35
C ALA G 136 3.47 -9.67 0.73
N ARG G 137 3.28 -9.19 1.94
CA ARG G 137 1.96 -8.89 2.49
C ARG G 137 2.11 -7.83 3.61
N TYR G 138 1.54 -6.65 3.39
CA TYR G 138 1.60 -5.58 4.38
C TYR G 138 1.05 -6.22 5.63
N GLU G 139 1.68 -5.95 6.76
CA GLU G 139 1.20 -6.34 8.08
C GLU G 139 0.83 -4.91 8.28
N ASN G 140 0.81 -4.37 9.50
CA ASN G 140 0.45 -2.95 9.61
C ASN G 140 1.51 -1.92 9.14
N GLY G 141 2.79 -2.21 9.32
CA GLY G 141 3.79 -1.27 8.86
C GLY G 141 4.79 -1.94 7.96
N HIS G 142 4.95 -3.24 8.13
CA HIS G 142 6.03 -4.00 7.48
C HIS G 142 5.50 -5.08 6.50
N TYR G 143 6.38 -5.92 5.98
CA TYR G 143 5.98 -6.90 4.98
C TYR G 143 6.28 -8.32 5.40
N LEU G 144 5.28 -9.18 5.30
CA LEU G 144 5.40 -10.58 5.72
C LEU G 144 5.36 -11.58 4.59
N TYR G 145 6.04 -12.69 4.78
CA TYR G 145 6.13 -13.75 3.78
C TYR G 145 5.86 -15.04 4.49
N ARG G 146 5.14 -15.96 3.86
CA ARG G 146 4.86 -17.24 4.51
C ARG G 146 4.63 -18.36 3.53
N ILE G 147 5.26 -19.48 3.82
CA ILE G 147 4.96 -20.72 3.14
C ILE G 147 4.13 -21.54 4.13
N HIS G 148 2.98 -22.05 3.70
CA HIS G 148 2.04 -22.62 4.68
C HIS G 148 2.13 -24.14 4.94
N ARG G 149 2.06 -24.96 3.89
CA ARG G 149 2.12 -26.42 4.06
C ARG G 149 2.73 -27.03 2.80
N SER G 150 3.41 -28.18 2.89
CA SER G 150 4.34 -28.50 1.78
C SER G 150 4.59 -29.68 0.96
N PRO G 151 5.43 -30.54 1.44
CA PRO G 151 6.57 -30.77 2.28
C PRO G 151 7.33 -30.98 1.03
N LEU G 152 8.64 -30.72 1.05
CA LEU G 152 9.35 -30.50 -0.19
C LEU G 152 9.21 -31.78 -0.98
N CYS G 153 9.32 -32.90 -0.27
CA CYS G 153 9.48 -34.18 -0.97
C CYS G 153 8.99 -35.41 -0.21
N GLU G 154 8.60 -36.43 -0.96
CA GLU G 154 8.31 -37.75 -0.40
C GLU G 154 9.60 -38.53 -0.18
N TYR G 155 10.71 -37.90 -0.57
CA TYR G 155 12.04 -38.36 -0.20
C TYR G 155 12.25 -38.12 1.29
N MET G 156 11.83 -36.95 1.77
CA MET G 156 11.85 -36.62 3.19
C MET G 156 10.92 -37.54 3.97
N ILE G 157 9.68 -37.66 3.50
CA ILE G 157 8.71 -38.57 4.10
C ILE G 157 9.31 -39.96 4.25
N ASN G 158 9.87 -40.50 3.16
CA ASN G 158 10.49 -41.83 3.18
C ASN G 158 11.71 -41.92 4.08
N PHE G 159 12.47 -40.83 4.14
CA PHE G 159 13.67 -40.76 4.96
C PHE G 159 13.31 -40.88 6.45
N ILE G 160 12.18 -40.28 6.82
CA ILE G 160 11.69 -40.31 8.21
C ILE G 160 11.25 -41.73 8.67
N HIS G 161 10.76 -42.53 7.72
CA HIS G 161 10.43 -43.92 8.04
C HIS G 161 11.72 -44.68 8.25
N LYS G 162 12.68 -44.50 7.34
CA LYS G 162 13.97 -45.20 7.43
C LYS G 162 14.70 -44.89 8.73
N LEU G 163 14.51 -43.67 9.25
CA LEU G 163 15.08 -43.28 10.53
C LEU G 163 14.38 -43.96 11.71
N LYS G 164 13.06 -43.81 11.77
CA LYS G 164 12.28 -44.30 12.89
C LYS G 164 12.36 -45.81 13.00
N HIS G 165 12.43 -46.49 11.85
CA HIS G 165 12.47 -47.95 11.83
C HIS G 165 13.85 -48.54 12.18
N LEU G 166 14.70 -47.74 12.82
CA LEU G 166 15.96 -48.26 13.36
C LEU G 166 15.83 -48.55 14.84
N PRO G 167 16.67 -49.48 15.35
CA PRO G 167 16.59 -49.94 16.74
C PRO G 167 16.98 -48.90 17.80
N GLU G 168 17.93 -48.03 17.49
CA GLU G 168 18.42 -47.06 18.49
C GLU G 168 18.68 -45.65 17.99
N LYS G 169 18.68 -44.69 18.93
CA LYS G 169 18.69 -43.26 18.60
C LYS G 169 20.05 -42.65 18.20
N TYR G 170 21.11 -43.03 18.89
CA TYR G 170 22.47 -42.60 18.54
C TYR G 170 22.92 -43.33 17.27
N MET G 171 22.08 -44.25 16.82
CA MET G 171 22.24 -44.92 15.54
C MET G 171 21.59 -44.06 14.46
N MET G 172 20.49 -43.40 14.85
CA MET G 172 19.84 -42.44 13.97
C MET G 172 20.70 -41.18 13.90
N ASN G 173 21.27 -40.76 15.03
CA ASN G 173 22.15 -39.59 15.09
C ASN G 173 23.36 -39.73 14.16
N SER G 174 23.94 -40.92 14.16
CA SER G 174 25.04 -41.24 13.26
C SER G 174 24.58 -41.26 11.80
N VAL G 175 23.32 -41.60 11.55
CA VAL G 175 22.78 -41.49 10.19
C VAL G 175 22.71 -40.02 9.84
N LEU G 176 22.11 -39.23 10.73
CA LEU G 176 21.91 -37.80 10.52
C LEU G 176 23.21 -37.01 10.63
N GLU G 177 24.31 -37.72 10.83
CA GLU G 177 25.63 -37.12 10.83
C GLU G 177 25.97 -36.54 9.46
N ASN G 178 25.40 -37.14 8.41
CA ASN G 178 25.74 -36.77 7.05
C ASN G 178 24.58 -36.18 6.29
N PHE G 179 23.52 -35.87 7.04
CA PHE G 179 22.32 -35.34 6.45
C PHE G 179 22.07 -33.93 6.94
N THR G 180 22.29 -32.96 6.06
CA THR G 180 22.01 -31.56 6.40
C THR G 180 21.01 -30.93 5.43
N ILE G 181 20.66 -29.67 5.67
CA ILE G 181 19.82 -28.93 4.74
C ILE G 181 20.32 -27.50 4.62
N LEU G 182 20.43 -27.00 3.39
CA LEU G 182 20.80 -25.61 3.16
C LEU G 182 19.64 -24.81 2.59
N GLN G 183 19.27 -23.74 3.26
CA GLN G 183 18.16 -22.90 2.81
C GLN G 183 18.62 -21.49 2.48
N VAL G 184 18.37 -21.07 1.24
CA VAL G 184 18.83 -19.77 0.77
C VAL G 184 17.71 -18.91 0.17
N VAL G 185 17.49 -17.74 0.75
CA VAL G 185 16.45 -16.85 0.28
C VAL G 185 17.13 -15.63 -0.28
N THR G 186 16.71 -15.24 -1.49
CA THR G 186 17.29 -14.09 -2.19
C THR G 186 16.21 -13.24 -2.83
N ASN G 187 16.49 -11.95 -3.00
CA ASN G 187 15.63 -11.04 -3.77
C ASN G 187 15.71 -11.35 -5.26
N ARG G 188 14.58 -11.73 -5.86
CA ARG G 188 14.59 -12.21 -7.24
C ARG G 188 15.14 -11.17 -8.19
N ASP G 189 15.05 -9.90 -7.80
CA ASP G 189 15.41 -8.82 -8.70
C ASP G 189 16.85 -8.38 -8.50
N THR G 190 17.19 -7.99 -7.27
CA THR G 190 18.49 -7.44 -6.95
C THR G 190 19.49 -8.58 -6.83
N GLN G 191 18.96 -9.78 -6.72
CA GLN G 191 19.80 -10.96 -6.66
C GLN G 191 20.67 -10.98 -5.42
N GLU G 192 20.38 -10.10 -4.47
CA GLU G 192 21.10 -10.05 -3.21
C GLU G 192 20.53 -11.08 -2.25
N THR G 193 21.39 -11.87 -1.65
CA THR G 193 20.96 -12.83 -0.67
C THR G 193 20.58 -12.08 0.62
N LEU G 194 19.39 -12.36 1.16
CA LEU G 194 18.95 -11.69 2.39
C LEU G 194 18.84 -12.61 3.59
N LEU G 195 19.01 -13.91 3.36
CA LEU G 195 19.03 -14.86 4.46
C LEU G 195 19.57 -16.20 3.98
N CYS G 196 20.41 -16.83 4.78
CA CYS G 196 20.95 -18.17 4.47
C CYS G 196 21.11 -19.01 5.73
N ILE G 197 20.46 -20.17 5.76
CA ILE G 197 20.42 -20.97 6.96
C ILE G 197 20.85 -22.41 6.70
N ALA G 198 21.83 -22.86 7.48
CA ALA G 198 22.27 -24.25 7.46
C ALA G 198 21.59 -25.05 8.59
N TYR G 199 21.19 -26.27 8.29
CA TYR G 199 20.46 -27.09 9.25
C TYR G 199 21.15 -28.41 9.49
N VAL G 200 21.68 -28.59 10.70
CA VAL G 200 22.25 -29.86 11.09
C VAL G 200 21.31 -30.51 12.08
N PHE G 201 21.11 -31.81 11.94
CA PHE G 201 20.11 -32.49 12.74
C PHE G 201 20.68 -33.51 13.70
N GLU G 202 19.88 -33.82 14.73
CA GLU G 202 20.15 -34.86 15.70
C GLU G 202 18.77 -35.26 16.22
N VAL G 203 18.70 -36.25 17.11
CA VAL G 203 17.40 -36.68 17.66
C VAL G 203 17.33 -36.59 19.19
N SER G 204 16.13 -36.57 19.75
CA SER G 204 15.97 -36.37 21.20
C SER G 204 15.27 -37.53 21.93
N ALA G 210 11.89 -31.94 21.83
CA ALA G 210 11.97 -31.32 20.50
C ALA G 210 12.52 -29.91 20.64
N GLN G 211 13.78 -29.73 20.28
CA GLN G 211 14.51 -28.48 20.60
C GLN G 211 15.54 -28.07 19.54
N HIS G 212 16.07 -26.86 19.68
CA HIS G 212 17.00 -26.31 18.70
C HIS G 212 18.03 -25.38 19.35
N HIS G 213 19.15 -25.16 18.67
CA HIS G 213 20.11 -24.16 19.10
C HIS G 213 20.54 -23.36 17.87
N ILE G 214 20.62 -22.03 17.99
CA ILE G 214 20.88 -21.19 16.82
C ILE G 214 22.24 -20.51 16.83
N TYR G 215 23.03 -20.76 15.77
CA TYR G 215 24.36 -20.19 15.64
C TYR G 215 24.50 -19.29 14.44
N ARG G 216 25.11 -18.14 14.63
CA ARG G 216 25.50 -17.27 13.53
C ARG G 216 26.85 -17.71 12.97
N LEU G 217 26.94 -17.83 11.65
CA LEU G 217 28.20 -18.22 11.01
C LEU G 217 29.13 -17.02 10.81
N VAL G 218 30.40 -17.21 11.15
CA VAL G 218 31.41 -16.14 11.11
C VAL G 218 32.67 -16.62 10.37
N LYS G 219 33.35 -15.71 9.68
CA LYS G 219 34.58 -16.06 8.95
C LYS G 219 35.72 -16.36 9.91
N VAL H 19 32.46 -44.34 0.34
CA VAL H 19 33.66 -44.45 1.23
C VAL H 19 34.09 -43.05 1.74
N PRO H 20 33.37 -42.50 2.76
CA PRO H 20 33.64 -41.18 3.35
C PRO H 20 34.95 -41.12 4.13
N GLN H 21 35.54 -39.93 4.31
CA GLN H 21 36.94 -39.86 4.79
C GLN H 21 37.36 -38.91 5.91
N THR H 22 36.71 -37.75 6.04
CA THR H 22 37.18 -36.73 7.00
C THR H 22 36.43 -36.88 8.34
N VAL H 23 36.38 -35.82 9.15
CA VAL H 23 36.01 -35.91 10.56
C VAL H 23 34.52 -36.14 10.70
N PRO H 24 34.06 -36.32 11.95
CA PRO H 24 32.68 -36.44 12.44
C PRO H 24 32.35 -35.22 13.31
N MET H 25 31.05 -34.91 13.48
CA MET H 25 30.62 -33.62 14.05
C MET H 25 31.19 -33.15 15.38
N ARG H 26 31.25 -34.02 16.38
CA ARG H 26 31.93 -33.65 17.60
C ARG H 26 33.31 -33.60 16.98
N LEU H 27 34.33 -33.17 17.72
CA LEU H 27 35.66 -33.12 17.11
C LEU H 27 35.83 -32.00 16.06
N ARG H 28 35.39 -30.79 16.40
CA ARG H 28 35.51 -29.63 15.54
C ARG H 28 35.28 -28.45 16.45
N LYS H 29 35.66 -27.24 16.03
CA LYS H 29 35.43 -26.03 16.83
C LYS H 29 33.93 -25.72 16.90
N LEU H 30 33.26 -26.32 17.88
CA LEU H 30 31.81 -26.21 18.02
C LEU H 30 31.44 -26.14 19.49
N PRO H 31 30.80 -25.05 19.89
CA PRO H 31 30.43 -24.84 21.29
C PRO H 31 29.82 -26.07 21.97
N ASP H 32 30.07 -26.23 23.26
CA ASP H 32 29.47 -27.31 24.02
C ASP H 32 27.97 -27.31 23.78
N SER H 33 27.40 -26.12 23.82
CA SER H 33 25.97 -25.92 23.59
C SER H 33 25.49 -26.80 22.45
N PHE H 34 26.43 -27.21 21.59
CA PHE H 34 26.10 -27.79 20.28
C PHE H 34 25.73 -29.27 20.30
N PHE H 35 25.86 -29.93 21.45
CA PHE H 35 25.68 -31.37 21.48
C PHE H 35 24.80 -31.88 22.61
N LYS H 36 24.74 -31.12 23.70
CA LYS H 36 23.70 -31.34 24.68
C LYS H 36 22.85 -30.07 24.72
N PRO H 37 21.56 -30.18 24.32
CA PRO H 37 20.74 -28.99 24.16
C PRO H 37 20.89 -28.03 25.33
#